data_2I26
#
_entry.id   2I26
#
_cell.length_a   64.300
_cell.length_b   64.694
_cell.length_c   159.876
_cell.angle_alpha   90.00
_cell.angle_beta   90.00
_cell.angle_gamma   90.00
#
_symmetry.space_group_name_H-M   'P 21 21 21'
#
loop_
_entity.id
_entity.type
_entity.pdbx_description
1 polymer 'New Antigen Receptor Ancestral'
2 polymer 'Lysozyme C'
3 non-polymer 'SULFATE ION'
4 water water
#
loop_
_entity_poly.entity_id
_entity_poly.type
_entity_poly.pdbx_seq_one_letter_code
_entity_poly.pdbx_strand_id
1 'polypeptide(L)'
;ARVDQTPQTITKETGESLTINCVLRDSNCALSSTYWYRKKSGSTNEESISKGGRYVETVNSGSKSFSLRINDLTVEDSGT
YRCKPESRYGSYDAECAALNDQYGGGTVVTVNAAAHHHHHH
;
N,O,P
2 'polypeptide(L)'
;KVFGRCELAAAMKRHGLDNYRGYSLGNWVCAAKFESNFNTQATNRNTDGSTDYGILQINSRWWCNDGRTPGSRNLCNIPC
SALLSSDITASVNCAKKIVSDGNGMNAWVAWRNRCKGTDVQAWIRGCRL
;
L,M,Q
#
loop_
_chem_comp.id
_chem_comp.type
_chem_comp.name
_chem_comp.formula
SO4 non-polymer 'SULFATE ION' 'O4 S -2'
#
# COMPACT_ATOMS: atom_id res chain seq x y z
N ARG A 2 24.79 3.50 -6.26
CA ARG A 2 24.54 4.95 -5.99
C ARG A 2 23.12 5.22 -5.43
N VAL A 3 23.05 6.09 -4.44
CA VAL A 3 21.83 6.39 -3.70
C VAL A 3 21.48 7.81 -4.06
N ASP A 4 20.35 8.05 -4.68
CA ASP A 4 19.95 9.41 -5.06
C ASP A 4 18.94 10.02 -4.08
N GLN A 5 19.33 11.12 -3.42
CA GLN A 5 18.56 11.83 -2.41
C GLN A 5 18.10 13.21 -2.93
N THR A 6 16.80 13.45 -3.03
CA THR A 6 16.35 14.77 -3.51
C THR A 6 15.51 15.33 -2.34
N PRO A 7 15.39 16.69 -2.23
CA PRO A 7 16.14 17.67 -2.96
C PRO A 7 17.44 17.94 -2.16
N GLN A 8 18.25 18.88 -2.66
CA GLN A 8 19.51 19.22 -1.97
C GLN A 8 19.29 20.19 -0.82
N THR A 9 18.41 21.13 -1.01
CA THR A 9 18.12 22.04 0.07
C THR A 9 16.62 22.21 0.09
N ILE A 10 16.15 22.60 1.27
CA ILE A 10 14.76 22.83 1.61
C ILE A 10 14.83 23.94 2.68
N THR A 11 14.03 24.99 2.47
CA THR A 11 13.76 26.06 3.44
C THR A 11 12.26 26.20 3.74
N LYS A 12 11.86 26.10 5.02
CA LYS A 12 10.44 26.13 5.37
C LYS A 12 10.16 27.00 6.59
N GLU A 13 8.91 27.43 6.71
CA GLU A 13 8.50 28.16 7.92
C GLU A 13 8.04 27.16 8.97
N THR A 14 8.11 27.59 10.23
CA THR A 14 7.50 26.87 11.34
C THR A 14 6.07 26.41 11.03
N GLY A 15 5.81 25.15 11.25
CA GLY A 15 4.48 24.64 11.01
C GLY A 15 4.35 23.88 9.71
N GLU A 16 5.24 24.10 8.76
CA GLU A 16 5.12 23.38 7.50
C GLU A 16 5.59 21.91 7.68
N SER A 17 5.51 21.16 6.58
CA SER A 17 6.12 19.87 6.54
C SER A 17 7.05 19.71 5.29
N LEU A 18 7.77 18.59 5.23
CA LEU A 18 8.75 18.40 4.21
C LEU A 18 8.88 16.92 3.89
N THR A 19 9.21 16.67 2.61
CA THR A 19 9.54 15.32 2.15
C THR A 19 10.95 15.21 1.60
N ILE A 20 11.83 14.44 2.27
CA ILE A 20 13.05 13.92 1.58
C ILE A 20 12.77 12.53 0.95
N ASN A 21 13.32 12.30 -0.25
CA ASN A 21 13.16 11.07 -1.06
C ASN A 21 14.49 10.44 -1.39
N CYS A 22 14.59 9.11 -1.26
CA CYS A 22 15.79 8.36 -1.72
C CYS A 22 15.43 7.33 -2.78
N VAL A 23 16.32 7.16 -3.76
CA VAL A 23 16.10 6.24 -4.82
C VAL A 23 17.37 5.49 -5.01
N LEU A 24 17.22 4.19 -5.07
CA LEU A 24 18.35 3.32 -5.16
C LEU A 24 18.50 3.00 -6.66
N ARG A 25 19.36 3.74 -7.37
CA ARG A 25 19.38 3.72 -8.87
C ARG A 25 19.76 2.38 -9.53
N ASP A 26 19.05 2.08 -10.63
CA ASP A 26 18.93 0.70 -11.21
C ASP A 26 19.89 -0.37 -10.58
N SER A 27 19.33 -1.39 -9.93
CA SER A 27 20.14 -2.54 -9.54
C SER A 27 19.31 -3.76 -9.13
N ASN A 28 19.90 -4.94 -9.34
CA ASN A 28 19.47 -6.25 -8.78
C ASN A 28 19.30 -6.28 -7.24
N CYS A 29 20.06 -5.45 -6.52
CA CYS A 29 20.08 -5.46 -5.04
C CYS A 29 18.78 -5.08 -4.36
N ALA A 30 18.46 -5.87 -3.33
CA ALA A 30 17.25 -5.68 -2.54
C ALA A 30 17.37 -4.51 -1.60
N LEU A 31 16.27 -3.78 -1.45
CA LEU A 31 16.16 -2.82 -0.38
C LEU A 31 15.68 -3.61 0.84
N SER A 32 16.58 -4.10 1.68
CA SER A 32 16.18 -4.93 2.81
C SER A 32 15.79 -4.07 4.00
N SER A 33 16.47 -2.95 4.23
CA SER A 33 15.94 -1.93 5.15
C SER A 33 16.59 -0.55 4.98
N THR A 34 16.15 0.44 5.76
CA THR A 34 16.44 1.85 5.50
C THR A 34 16.69 2.70 6.76
N TYR A 35 17.79 3.43 6.82
CA TYR A 35 18.10 4.29 7.97
C TYR A 35 18.13 5.80 7.64
N TRP A 36 17.53 6.62 8.49
CA TRP A 36 17.68 8.08 8.35
C TRP A 36 18.59 8.74 9.41
N TYR A 37 19.45 9.68 9.01
CA TYR A 37 20.35 10.32 9.99
C TYR A 37 20.35 11.82 9.86
N ARG A 38 20.67 12.53 10.93
CA ARG A 38 20.96 13.98 10.83
C ARG A 38 22.01 14.56 11.76
N LYS A 39 22.51 15.71 11.32
CA LYS A 39 23.50 16.53 11.98
C LYS A 39 22.77 17.84 12.33
N LYS A 40 22.55 18.12 13.61
CA LYS A 40 21.81 19.32 14.02
C LYS A 40 22.63 20.58 13.66
N SER A 41 21.91 21.66 13.33
CA SER A 41 22.46 23.01 13.19
C SER A 41 23.09 23.43 14.51
N GLY A 42 24.38 23.75 14.50
CA GLY A 42 25.13 24.13 15.72
C GLY A 42 25.82 22.94 16.38
N SER A 43 26.17 21.96 15.53
CA SER A 43 26.72 20.65 15.92
C SER A 43 27.36 20.02 14.69
N THR A 44 28.45 19.28 14.92
CA THR A 44 29.12 18.57 13.84
C THR A 44 29.06 17.04 14.05
N ASN A 45 28.30 16.58 15.06
CA ASN A 45 28.06 15.11 15.35
C ASN A 45 26.69 14.53 14.79
N GLU A 46 26.78 13.43 14.03
CA GLU A 46 25.63 12.87 13.31
C GLU A 46 24.89 11.78 14.09
N GLU A 47 23.60 11.96 14.33
CA GLU A 47 22.77 10.99 15.05
C GLU A 47 21.61 10.48 14.17
N SER A 48 21.01 9.37 14.59
CA SER A 48 19.92 8.72 13.87
C SER A 48 18.54 9.23 14.23
N ILE A 49 17.61 9.15 13.27
CA ILE A 49 16.23 9.62 13.40
C ILE A 49 15.30 8.51 13.91
N SER A 50 14.24 8.86 14.67
CA SER A 50 13.26 7.87 15.18
C SER A 50 11.90 7.93 14.48
N LYS A 51 11.76 7.02 13.50
CA LYS A 51 10.53 6.82 12.70
C LYS A 51 9.37 6.63 13.66
N GLY A 52 8.21 7.19 13.31
CA GLY A 52 7.08 7.35 14.21
C GLY A 52 6.81 8.81 14.43
N GLY A 53 5.58 9.11 14.87
CA GLY A 53 5.17 10.42 15.27
C GLY A 53 5.23 11.39 14.12
N ARG A 54 5.96 12.49 14.30
CA ARG A 54 6.10 13.51 13.24
C ARG A 54 6.90 12.97 12.02
N TYR A 55 7.60 11.84 12.19
CA TYR A 55 8.55 11.37 11.20
C TYR A 55 7.95 10.18 10.46
N VAL A 56 7.29 10.45 9.32
CA VAL A 56 6.54 9.45 8.55
C VAL A 56 7.43 8.93 7.46
N GLU A 57 7.68 7.62 7.45
CA GLU A 57 8.46 6.98 6.39
C GLU A 57 7.61 6.12 5.46
N THR A 58 7.81 6.25 4.17
CA THR A 58 7.18 5.33 3.21
C THR A 58 8.31 4.59 2.49
N VAL A 59 8.20 3.27 2.38
CA VAL A 59 9.23 2.52 1.68
C VAL A 59 8.57 1.76 0.60
N ASN A 60 9.09 1.92 -0.61
CA ASN A 60 8.56 1.24 -1.81
C ASN A 60 9.66 0.40 -2.47
N SER A 61 9.74 -0.86 -2.09
CA SER A 61 10.91 -1.66 -2.47
C SER A 61 10.79 -2.21 -3.92
N GLY A 62 9.60 -2.13 -4.52
CA GLY A 62 9.47 -2.49 -5.94
C GLY A 62 10.29 -1.51 -6.77
N SER A 63 10.07 -0.27 -6.46
CA SER A 63 10.72 0.79 -7.17
C SER A 63 12.06 1.12 -6.51
N LYS A 64 12.45 0.35 -5.48
CA LYS A 64 13.70 0.53 -4.70
C LYS A 64 13.87 1.97 -4.16
N SER A 65 12.76 2.56 -3.72
CA SER A 65 12.71 3.93 -3.19
C SER A 65 12.19 4.02 -1.74
N PHE A 66 12.53 5.10 -1.07
CA PHE A 66 11.98 5.41 0.23
C PHE A 66 12.07 6.89 0.52
N SER A 67 11.22 7.33 1.45
CA SER A 67 11.09 8.74 1.71
C SER A 67 10.76 9.00 3.18
N LEU A 68 11.21 10.18 3.65
CA LEU A 68 11.00 10.63 4.98
C LEU A 68 10.19 11.90 4.94
N ARG A 69 9.01 11.84 5.53
CA ARG A 69 8.17 13.05 5.70
C ARG A 69 8.27 13.49 7.17
N ILE A 70 8.50 14.80 7.40
CA ILE A 70 8.52 15.38 8.74
C ILE A 70 7.44 16.47 8.85
N ASN A 71 6.43 16.27 9.68
CA ASN A 71 5.36 17.27 9.81
C ASN A 71 5.69 18.32 10.87
N ASP A 72 5.11 19.52 10.80
CA ASP A 72 5.03 20.43 11.95
C ASP A 72 6.42 20.88 12.36
N LEU A 73 7.14 21.44 11.39
CA LEU A 73 8.52 21.78 11.64
C LEU A 73 8.63 22.94 12.67
N THR A 74 9.73 22.91 13.44
CA THR A 74 10.22 24.05 14.20
C THR A 74 11.71 24.30 13.84
N VAL A 75 12.37 25.27 14.49
CA VAL A 75 13.84 25.48 14.30
C VAL A 75 14.64 24.31 14.80
N GLU A 76 14.07 23.48 15.66
CA GLU A 76 14.75 22.24 16.07
C GLU A 76 14.89 21.21 14.90
N ASP A 77 14.15 21.32 13.81
CA ASP A 77 14.36 20.34 12.74
C ASP A 77 15.45 20.73 11.70
N SER A 78 16.03 21.93 11.81
CA SER A 78 17.13 22.33 10.93
C SER A 78 18.34 21.43 11.03
N GLY A 79 18.93 21.09 9.90
CA GLY A 79 20.14 20.28 9.93
C GLY A 79 20.39 19.70 8.57
N THR A 80 21.24 18.67 8.51
CA THR A 80 21.50 17.96 7.27
C THR A 80 21.00 16.56 7.50
N TYR A 81 20.26 16.04 6.52
CA TYR A 81 19.59 14.73 6.61
C TYR A 81 20.15 13.80 5.55
N ARG A 82 20.49 12.57 5.93
CA ARG A 82 21.00 11.58 4.97
C ARG A 82 20.31 10.28 5.15
N CYS A 83 19.97 9.62 4.06
CA CYS A 83 19.45 8.25 4.15
C CYS A 83 20.54 7.28 3.87
N LYS A 84 20.45 6.09 4.45
CA LYS A 84 21.36 5.00 4.10
C LYS A 84 20.56 3.72 3.92
N PRO A 85 20.77 3.03 2.79
CA PRO A 85 20.09 1.79 2.57
C PRO A 85 20.89 0.58 3.06
N GLU A 86 20.23 -0.54 3.12
CA GLU A 86 20.83 -1.75 3.56
C GLU A 86 20.27 -2.90 2.74
N SER A 87 21.18 -3.65 2.16
CA SER A 87 20.86 -4.68 1.22
C SER A 87 21.50 -6.00 1.67
N ARG A 88 20.67 -7.00 2.01
CA ARG A 88 21.13 -8.28 2.58
C ARG A 88 21.08 -9.38 1.54
N TYR A 89 21.99 -10.32 1.65
CA TYR A 89 22.18 -11.40 0.65
C TYR A 89 22.52 -12.65 1.46
N GLY A 90 22.24 -13.84 0.94
CA GLY A 90 22.47 -15.05 1.71
C GLY A 90 23.94 -15.31 1.79
N SER A 91 24.57 -15.38 0.62
CA SER A 91 25.97 -15.60 0.47
C SER A 91 26.51 -14.32 -0.20
N TYR A 92 27.83 -14.20 -0.24
CA TYR A 92 28.43 -12.91 -0.52
C TYR A 92 28.23 -12.38 -1.98
N ASP A 93 27.70 -11.18 -2.04
CA ASP A 93 27.59 -10.48 -3.29
C ASP A 93 28.30 -9.15 -3.10
N ALA A 94 29.47 -9.02 -3.71
CA ALA A 94 30.26 -7.77 -3.63
C ALA A 94 29.45 -6.50 -4.03
N GLU A 95 28.63 -6.62 -5.06
CA GLU A 95 27.78 -5.52 -5.48
C GLU A 95 26.90 -4.99 -4.32
N CYS A 96 26.21 -5.89 -3.62
CA CYS A 96 25.32 -5.43 -2.55
C CYS A 96 26.01 -5.01 -1.26
N ALA A 97 27.22 -5.56 -1.01
CA ALA A 97 28.02 -5.14 0.15
C ALA A 97 28.42 -3.71 -0.10
N ALA A 98 28.88 -3.42 -1.31
CA ALA A 98 29.27 -2.06 -1.68
C ALA A 98 28.20 -1.06 -1.27
N LEU A 99 26.98 -1.32 -1.71
CA LEU A 99 25.78 -0.56 -1.33
C LEU A 99 25.55 -0.29 0.18
N ASN A 100 25.93 -1.20 1.08
CA ASN A 100 25.75 -0.89 2.53
C ASN A 100 26.73 0.19 3.08
N ASP A 101 27.73 0.58 2.30
CA ASP A 101 28.53 1.77 2.63
C ASP A 101 28.05 3.11 2.00
N GLN A 102 26.91 3.15 1.33
CA GLN A 102 26.57 4.41 0.64
C GLN A 102 25.43 5.19 1.30
N TYR A 103 25.67 6.46 1.53
CA TYR A 103 24.64 7.36 2.02
C TYR A 103 24.08 8.20 0.88
N GLY A 104 22.86 8.70 1.08
CA GLY A 104 22.34 9.73 0.23
C GLY A 104 23.25 10.95 0.27
N GLY A 105 23.13 11.76 -0.80
CA GLY A 105 23.79 13.04 -0.91
C GLY A 105 23.56 13.97 0.25
N GLY A 106 22.42 13.87 0.93
CA GLY A 106 22.10 14.78 2.05
C GLY A 106 21.21 15.93 1.65
N THR A 107 20.45 16.47 2.62
CA THR A 107 19.54 17.58 2.40
C THR A 107 19.77 18.53 3.54
N VAL A 108 20.04 19.79 3.22
CA VAL A 108 20.23 20.82 4.19
C VAL A 108 18.87 21.47 4.40
N VAL A 109 18.45 21.53 5.65
CA VAL A 109 17.11 21.88 5.93
C VAL A 109 17.17 23.09 6.86
N THR A 110 16.49 24.18 6.49
CA THR A 110 16.40 25.35 7.36
C THR A 110 14.97 25.71 7.75
N VAL A 111 14.70 25.72 9.06
CA VAL A 111 13.40 26.21 9.52
C VAL A 111 13.40 27.62 10.14
N ASN A 112 12.82 28.59 9.45
CA ASN A 112 12.67 29.94 9.99
C ASN A 112 11.50 30.05 11.02
N ALA A 113 11.86 30.63 12.18
CA ALA A 113 10.88 31.17 13.13
C ALA A 113 11.01 32.70 13.10
N ALA A 114 10.36 33.36 12.15
CA ALA A 114 10.27 34.82 12.12
C ALA A 114 8.86 35.23 12.46
N ALA A 115 8.74 36.40 13.10
CA ALA A 115 7.46 37.04 13.50
C ALA A 115 6.60 37.39 12.27
N HIS A 116 5.34 36.98 12.30
CA HIS A 116 4.35 37.30 11.26
C HIS A 116 4.55 36.49 9.93
N HIS A 117 5.34 35.40 10.01
CA HIS A 117 5.71 34.55 8.85
C HIS A 117 5.13 33.11 8.98
N HIS A 118 4.25 32.75 8.04
CA HIS A 118 3.50 31.47 8.04
C HIS A 118 3.82 30.66 6.75
N HIS A 119 2.84 29.86 6.29
CA HIS A 119 3.06 28.83 5.27
C HIS A 119 2.95 29.43 3.85
N LYS B 1 32.17 -32.85 5.55
CA LYS B 1 31.51 -33.94 4.76
C LYS B 1 31.19 -33.44 3.35
N VAL B 2 31.54 -34.24 2.34
CA VAL B 2 31.08 -33.97 0.99
C VAL B 2 29.83 -34.85 0.70
N PHE B 3 28.65 -34.24 0.73
CA PHE B 3 27.41 -34.94 0.27
C PHE B 3 27.55 -35.36 -1.21
N GLY B 4 27.12 -36.57 -1.51
CA GLY B 4 26.65 -36.90 -2.86
C GLY B 4 25.28 -36.26 -3.14
N ARG B 5 25.01 -36.09 -4.44
CA ARG B 5 23.92 -35.29 -4.87
C ARG B 5 22.51 -35.79 -4.40
N CYS B 6 22.28 -37.09 -4.52
CA CYS B 6 21.00 -37.65 -4.15
C CYS B 6 20.88 -37.88 -2.66
N GLU B 7 22.02 -38.11 -2.04
CA GLU B 7 22.09 -38.10 -0.59
C GLU B 7 21.63 -36.73 -0.06
N LEU B 8 22.09 -35.64 -0.67
CA LEU B 8 21.70 -34.30 -0.15
C LEU B 8 20.23 -34.04 -0.44
N ALA B 9 19.79 -34.59 -1.58
CA ALA B 9 18.42 -34.42 -2.04
C ALA B 9 17.51 -35.09 -1.08
N ALA B 10 17.91 -36.26 -0.57
CA ALA B 10 17.07 -36.99 0.38
C ALA B 10 17.05 -36.31 1.74
N ALA B 11 18.17 -35.74 2.18
CA ALA B 11 18.16 -35.03 3.49
C ALA B 11 17.35 -33.70 3.43
N MET B 12 17.55 -32.95 2.37
CA MET B 12 16.71 -31.76 2.14
C MET B 12 15.22 -32.08 2.01
N LYS B 13 14.84 -33.14 1.34
CA LYS B 13 13.45 -33.46 1.40
C LYS B 13 13.00 -33.66 2.85
N ARG B 14 13.87 -34.24 3.68
CA ARG B 14 13.42 -34.60 5.05
C ARG B 14 13.37 -33.37 5.90
N HIS B 15 14.21 -32.39 5.59
CA HIS B 15 14.22 -31.15 6.34
C HIS B 15 13.18 -30.09 5.86
N GLY B 16 12.30 -30.46 4.94
CA GLY B 16 11.17 -29.61 4.61
C GLY B 16 11.45 -28.53 3.59
N LEU B 17 12.48 -28.69 2.75
CA LEU B 17 12.86 -27.65 1.80
C LEU B 17 12.04 -27.77 0.49
N ASP B 18 11.51 -28.96 0.25
CA ASP B 18 10.73 -29.19 -0.97
C ASP B 18 9.47 -28.35 -0.97
N ASN B 19 9.42 -27.37 -1.88
CA ASN B 19 8.32 -26.41 -2.05
C ASN B 19 8.24 -25.36 -0.94
N TYR B 20 9.21 -25.35 -0.05
CA TYR B 20 9.29 -24.34 0.94
C TYR B 20 9.36 -22.96 0.26
N ARG B 21 8.35 -22.17 0.54
CA ARG B 21 8.15 -20.91 -0.10
C ARG B 21 7.93 -21.02 -1.61
N GLY B 22 7.38 -22.10 -2.14
CA GLY B 22 7.19 -22.21 -3.59
C GLY B 22 8.40 -22.68 -4.37
N TYR B 23 9.54 -22.93 -3.69
CA TYR B 23 10.82 -23.37 -4.34
C TYR B 23 10.99 -24.86 -4.23
N SER B 24 10.81 -25.54 -5.35
CA SER B 24 10.90 -27.00 -5.36
C SER B 24 12.33 -27.46 -5.07
N LEU B 25 12.43 -28.68 -4.50
CA LEU B 25 13.70 -29.33 -4.04
C LEU B 25 14.94 -29.14 -4.92
N GLY B 26 14.80 -29.20 -6.25
CA GLY B 26 15.94 -29.08 -7.15
C GLY B 26 16.70 -27.78 -6.91
N ASN B 27 15.95 -26.69 -6.68
CA ASN B 27 16.54 -25.37 -6.45
C ASN B 27 17.54 -25.40 -5.32
N TRP B 28 17.21 -26.18 -4.30
CA TRP B 28 17.99 -26.19 -3.10
C TRP B 28 19.24 -27.03 -3.30
N VAL B 29 19.06 -28.21 -3.90
CA VAL B 29 20.21 -29.10 -4.17
C VAL B 29 21.20 -28.38 -5.11
N CYS B 30 20.65 -27.66 -6.09
CA CYS B 30 21.41 -26.94 -7.12
C CYS B 30 22.19 -25.84 -6.45
N ALA B 31 21.55 -25.13 -5.53
CA ALA B 31 22.22 -24.06 -4.79
C ALA B 31 23.44 -24.55 -4.04
N ALA B 32 23.28 -25.61 -3.24
CA ALA B 32 24.41 -26.17 -2.53
C ALA B 32 25.48 -26.67 -3.54
N LYS B 33 25.05 -27.11 -4.70
CA LYS B 33 26.02 -27.43 -5.72
C LYS B 33 26.90 -26.23 -6.00
N PHE B 34 26.32 -25.12 -6.38
CA PHE B 34 27.19 -24.03 -6.90
C PHE B 34 27.72 -23.09 -5.85
N GLU B 35 27.21 -23.17 -4.63
CA GLU B 35 27.79 -22.46 -3.49
C GLU B 35 28.93 -23.24 -2.86
N SER B 36 28.72 -24.52 -2.55
CA SER B 36 29.66 -25.33 -1.72
C SER B 36 30.36 -26.39 -2.48
N ASN B 37 29.81 -26.77 -3.61
CA ASN B 37 30.16 -28.04 -4.24
C ASN B 37 29.78 -29.25 -3.36
N PHE B 38 28.70 -29.11 -2.59
CA PHE B 38 28.18 -30.14 -1.67
C PHE B 38 29.08 -30.37 -0.44
N ASN B 39 29.99 -29.44 -0.18
CA ASN B 39 30.90 -29.51 0.96
C ASN B 39 30.43 -28.78 2.26
N THR B 40 30.03 -29.55 3.27
CA THR B 40 29.59 -28.97 4.55
C THR B 40 30.71 -28.19 5.26
N GLN B 41 31.95 -28.36 4.84
CA GLN B 41 33.06 -27.70 5.52
C GLN B 41 33.49 -26.40 4.82
N ALA B 42 33.02 -26.20 3.61
CA ALA B 42 33.37 -25.02 2.82
C ALA B 42 33.25 -23.71 3.61
N THR B 43 34.29 -22.88 3.50
CA THR B 43 34.28 -21.56 4.06
C THR B 43 34.98 -20.66 3.03
N ASN B 44 34.50 -19.43 2.85
CA ASN B 44 35.25 -18.45 2.05
C ASN B 44 35.31 -17.08 2.68
N ARG B 45 36.53 -16.56 2.85
CA ARG B 45 36.76 -15.24 3.37
C ARG B 45 36.52 -14.22 2.26
N ASN B 46 35.73 -13.21 2.52
CA ASN B 46 35.38 -12.20 1.55
C ASN B 46 36.09 -10.91 1.92
N THR B 47 36.20 -9.99 0.95
CA THR B 47 37.07 -8.84 1.06
C THR B 47 36.57 -7.81 2.11
N ASP B 48 35.33 -7.90 2.55
CA ASP B 48 34.84 -7.05 3.67
C ASP B 48 35.18 -7.61 5.05
N GLY B 49 35.96 -8.67 5.10
CA GLY B 49 36.23 -9.35 6.36
C GLY B 49 35.07 -10.17 6.92
N SER B 50 34.04 -10.42 6.10
CA SER B 50 32.99 -11.39 6.41
C SER B 50 33.39 -12.75 5.83
N THR B 51 32.68 -13.79 6.26
CA THR B 51 32.98 -15.09 5.75
C THR B 51 31.73 -15.83 5.37
N ASP B 52 31.82 -16.63 4.32
CA ASP B 52 30.67 -17.46 3.95
C ASP B 52 30.91 -18.89 4.39
N TYR B 53 29.93 -19.47 5.05
CA TYR B 53 30.11 -20.75 5.77
C TYR B 53 29.17 -21.91 5.39
N GLY B 54 29.71 -23.13 5.24
CA GLY B 54 28.86 -24.33 5.06
C GLY B 54 28.22 -24.51 3.70
N ILE B 55 27.31 -25.49 3.63
CA ILE B 55 26.78 -26.10 2.39
C ILE B 55 25.99 -25.09 1.54
N LEU B 56 25.48 -24.04 2.17
CA LEU B 56 24.79 -22.97 1.43
C LEU B 56 25.54 -21.62 1.49
N GLN B 57 26.78 -21.67 2.01
CA GLN B 57 27.66 -20.52 2.18
C GLN B 57 26.94 -19.33 2.81
N ILE B 58 26.57 -19.46 4.09
CA ILE B 58 25.82 -18.39 4.72
C ILE B 58 26.80 -17.31 5.23
N ASN B 59 26.43 -16.04 5.00
CA ASN B 59 27.33 -14.87 5.24
C ASN B 59 27.30 -14.31 6.70
N SER B 60 28.50 -14.13 7.26
CA SER B 60 28.67 -13.76 8.66
C SER B 60 28.36 -12.28 9.00
N ARG B 61 28.13 -11.49 7.97
CA ARG B 61 27.73 -10.11 8.11
C ARG B 61 26.28 -10.02 8.57
N TRP B 62 25.44 -10.88 8.00
CA TRP B 62 23.98 -10.82 8.24
C TRP B 62 23.39 -11.91 9.22
N TRP B 63 23.80 -13.17 9.05
CA TRP B 63 23.03 -14.37 9.49
C TRP B 63 23.55 -15.08 10.69
N CYS B 64 24.87 -15.30 10.71
CA CYS B 64 25.56 -15.88 11.85
C CYS B 64 26.70 -14.97 12.31
N ASN B 65 27.11 -14.99 13.59
CA ASN B 65 28.33 -14.27 14.04
C ASN B 65 29.53 -15.20 14.22
N ASP B 66 30.75 -14.72 13.97
CA ASP B 66 31.94 -15.55 14.09
C ASP B 66 33.06 -14.83 14.82
N GLY B 67 32.71 -13.79 15.55
CA GLY B 67 33.70 -13.03 16.31
C GLY B 67 34.73 -12.25 15.50
N ARG B 68 34.69 -12.28 14.19
CA ARG B 68 35.66 -11.47 13.47
C ARG B 68 35.04 -10.78 12.27
N THR B 69 33.70 -10.64 12.25
CA THR B 69 33.08 -9.85 11.22
C THR B 69 32.53 -8.58 11.83
N PRO B 70 33.03 -7.43 11.34
CA PRO B 70 32.50 -6.13 11.66
C PRO B 70 31.01 -6.00 11.43
N GLY B 71 30.28 -5.45 12.39
CA GLY B 71 28.85 -5.20 12.24
C GLY B 71 27.91 -6.41 12.10
N SER B 72 28.40 -7.62 12.41
CA SER B 72 27.59 -8.83 12.25
C SER B 72 26.24 -8.66 12.94
N ARG B 73 25.17 -8.93 12.23
CA ARG B 73 23.83 -8.68 12.74
C ARG B 73 23.24 -9.98 13.36
N ASN B 74 23.85 -11.11 13.04
CA ASN B 74 23.51 -12.45 13.53
C ASN B 74 22.02 -12.77 13.58
N LEU B 75 21.43 -12.62 12.40
CA LEU B 75 19.99 -12.68 12.18
C LEU B 75 19.44 -14.09 12.42
N CYS B 76 20.23 -15.12 12.16
CA CYS B 76 19.77 -16.48 12.51
C CYS B 76 20.05 -16.85 13.93
N ASN B 77 20.76 -16.01 14.67
CA ASN B 77 20.97 -16.28 16.10
C ASN B 77 21.79 -17.52 16.39
N ILE B 78 22.96 -17.63 15.79
CA ILE B 78 23.75 -18.86 15.85
C ILE B 78 25.20 -18.48 15.56
N PRO B 79 26.13 -19.24 16.17
CA PRO B 79 27.51 -19.03 15.80
C PRO B 79 27.72 -19.68 14.46
N CYS B 80 28.65 -19.14 13.69
CA CYS B 80 28.95 -19.64 12.36
C CYS B 80 29.52 -21.04 12.39
N SER B 81 30.20 -21.37 13.48
CA SER B 81 30.72 -22.74 13.61
C SER B 81 29.61 -23.78 13.48
N ALA B 82 28.41 -23.48 13.96
CA ALA B 82 27.26 -24.39 13.85
C ALA B 82 26.98 -24.80 12.41
N LEU B 83 27.20 -23.86 11.47
CA LEU B 83 26.86 -24.08 10.04
C LEU B 83 27.86 -24.98 9.31
N LEU B 84 29.07 -25.17 9.88
CA LEU B 84 30.12 -26.09 9.34
C LEU B 84 29.94 -27.59 9.72
N SER B 85 28.74 -27.94 10.14
CA SER B 85 28.47 -29.25 10.61
C SER B 85 28.20 -30.26 9.47
N SER B 86 28.31 -31.53 9.83
CA SER B 86 27.92 -32.69 9.01
C SER B 86 26.34 -32.79 8.89
N ASP B 87 25.67 -32.37 9.94
CA ASP B 87 24.23 -32.42 10.01
C ASP B 87 23.76 -31.12 9.41
N ILE B 88 22.93 -31.19 8.39
CA ILE B 88 22.55 -29.96 7.70
C ILE B 88 21.48 -29.10 8.44
N THR B 89 21.08 -29.45 9.65
CA THR B 89 19.93 -28.80 10.29
C THR B 89 20.09 -27.32 10.45
N ALA B 90 21.18 -26.90 11.08
CA ALA B 90 21.40 -25.50 11.33
C ALA B 90 21.31 -24.71 10.05
N SER B 91 21.97 -25.20 9.00
CA SER B 91 22.06 -24.43 7.75
C SER B 91 20.68 -24.35 7.09
N VAL B 92 19.88 -25.41 7.26
CA VAL B 92 18.58 -25.52 6.58
C VAL B 92 17.65 -24.46 7.14
N ASN B 93 17.50 -24.53 8.46
CA ASN B 93 16.71 -23.55 9.24
C ASN B 93 17.15 -22.10 9.09
N CYS B 94 18.45 -21.84 8.90
CA CYS B 94 18.89 -20.48 8.61
C CYS B 94 18.58 -20.11 7.12
N ALA B 95 18.77 -21.06 6.19
CA ALA B 95 18.20 -20.96 4.78
C ALA B 95 16.74 -20.56 4.74
N LYS B 96 15.93 -21.22 5.55
CA LYS B 96 14.49 -20.90 5.67
C LYS B 96 14.16 -19.43 6.10
N LYS B 97 14.98 -18.85 6.97
CA LYS B 97 14.76 -17.48 7.37
C LYS B 97 15.28 -16.56 6.25
N ILE B 98 16.45 -16.88 5.70
CA ILE B 98 17.02 -16.16 4.59
C ILE B 98 16.00 -16.03 3.41
N VAL B 99 15.55 -17.17 2.91
CA VAL B 99 14.57 -17.22 1.80
C VAL B 99 13.30 -16.47 2.15
N SER B 100 13.10 -16.17 3.43
CA SER B 100 11.88 -15.46 3.84
C SER B 100 12.17 -13.99 4.05
N ASP B 101 13.39 -13.56 3.77
CA ASP B 101 13.80 -12.17 4.06
C ASP B 101 13.27 -11.08 3.10
N GLY B 102 12.46 -11.44 2.12
CA GLY B 102 11.91 -10.48 1.18
C GLY B 102 12.28 -10.79 -0.26
N ASN B 103 13.40 -11.46 -0.47
CA ASN B 103 13.96 -11.70 -1.80
C ASN B 103 13.99 -13.16 -2.28
N GLY B 104 13.26 -14.05 -1.64
CA GLY B 104 13.27 -15.44 -2.07
C GLY B 104 14.65 -15.96 -2.31
N MET B 105 14.81 -16.90 -3.23
CA MET B 105 16.14 -17.52 -3.40
C MET B 105 17.17 -16.62 -4.07
N ASN B 106 16.76 -15.43 -4.46
CA ASN B 106 17.67 -14.45 -4.93
C ASN B 106 18.73 -14.05 -3.94
N ALA B 107 18.56 -14.31 -2.65
CA ALA B 107 19.68 -14.14 -1.70
C ALA B 107 20.99 -14.88 -2.07
N TRP B 108 20.91 -16.06 -2.70
CA TRP B 108 22.12 -16.77 -3.07
C TRP B 108 22.58 -16.52 -4.53
N VAL B 109 23.65 -15.74 -4.70
CA VAL B 109 24.17 -15.38 -6.04
C VAL B 109 24.50 -16.62 -6.85
N ALA B 110 25.10 -17.67 -6.27
CA ALA B 110 25.41 -18.86 -7.13
C ALA B 110 24.07 -19.45 -7.67
N TRP B 111 23.07 -19.58 -6.83
CA TRP B 111 21.72 -19.91 -7.30
C TRP B 111 21.23 -19.05 -8.44
N ARG B 112 21.46 -17.76 -8.34
CA ARG B 112 20.94 -16.82 -9.31
C ARG B 112 21.67 -16.97 -10.62
N ASN B 113 22.95 -17.27 -10.55
CA ASN B 113 23.74 -17.41 -11.79
C ASN B 113 23.63 -18.70 -12.52
N ARG B 114 23.31 -19.80 -11.81
CA ARG B 114 23.38 -21.14 -12.40
C ARG B 114 22.11 -21.91 -12.37
N CYS B 115 21.15 -21.58 -11.52
CA CYS B 115 19.94 -22.41 -11.35
C CYS B 115 18.66 -21.70 -11.78
N LYS B 116 18.52 -20.43 -11.44
CA LYS B 116 17.29 -19.68 -11.74
C LYS B 116 17.03 -19.73 -13.23
N GLY B 117 15.79 -19.96 -13.63
CA GLY B 117 15.42 -20.14 -15.02
C GLY B 117 15.81 -21.44 -15.70
N THR B 118 16.52 -22.32 -15.02
CA THR B 118 16.91 -23.60 -15.61
C THR B 118 15.97 -24.74 -15.14
N ASP B 119 16.05 -25.90 -15.75
CA ASP B 119 15.20 -27.02 -15.34
C ASP B 119 15.81 -27.69 -14.08
N VAL B 120 15.50 -27.14 -12.91
CA VAL B 120 16.17 -27.50 -11.67
C VAL B 120 15.74 -28.89 -11.14
N GLN B 121 14.59 -29.38 -11.60
CA GLN B 121 14.10 -30.75 -11.36
C GLN B 121 15.18 -31.80 -11.60
N ALA B 122 15.93 -31.58 -12.70
CA ALA B 122 17.04 -32.45 -13.10
C ALA B 122 17.92 -32.87 -11.95
N TRP B 123 18.06 -32.01 -10.94
CA TRP B 123 18.96 -32.28 -9.79
C TRP B 123 18.40 -33.25 -8.81
N ILE B 124 17.10 -33.54 -8.86
CA ILE B 124 16.56 -34.67 -8.06
C ILE B 124 16.23 -35.91 -8.86
N ARG B 125 16.42 -35.81 -10.19
CA ARG B 125 16.17 -36.92 -11.07
C ARG B 125 17.17 -38.02 -10.85
N GLY B 126 16.68 -39.24 -10.98
CA GLY B 126 17.49 -40.41 -10.72
C GLY B 126 17.85 -40.55 -9.24
N CYS B 127 17.19 -39.84 -8.33
CA CYS B 127 17.38 -40.04 -6.88
C CYS B 127 16.34 -40.92 -6.17
N ARG B 128 15.34 -41.44 -6.90
CA ARG B 128 14.29 -42.31 -6.30
C ARG B 128 13.73 -41.77 -4.99
N LEU B 129 13.29 -40.51 -5.00
CA LEU B 129 12.55 -39.85 -3.91
C LEU B 129 11.02 -40.00 -4.12
N ARG C 2 6.75 23.79 -9.16
CA ARG C 2 7.75 22.71 -9.24
C ARG C 2 7.21 21.38 -8.69
N VAL C 3 6.78 20.49 -9.58
CA VAL C 3 6.36 19.15 -9.22
C VAL C 3 7.60 18.24 -9.37
N ASP C 4 8.07 17.69 -8.27
CA ASP C 4 9.25 16.84 -8.28
C ASP C 4 8.73 15.42 -8.40
N GLN C 5 9.06 14.74 -9.49
CA GLN C 5 8.61 13.38 -9.76
C GLN C 5 9.82 12.48 -9.71
N THR C 6 9.73 11.42 -8.92
CA THR C 6 10.83 10.42 -8.85
C THR C 6 10.18 9.03 -8.92
N PRO C 7 10.89 8.00 -9.35
CA PRO C 7 12.21 7.97 -10.04
C PRO C 7 12.08 8.38 -11.48
N GLN C 8 13.20 8.53 -12.16
CA GLN C 8 13.17 8.93 -13.56
C GLN C 8 13.02 7.69 -14.46
N THR C 9 13.73 6.63 -14.15
CA THR C 9 13.60 5.43 -14.95
C THR C 9 13.41 4.26 -13.99
N ILE C 10 12.57 3.31 -14.40
CA ILE C 10 12.39 2.03 -13.73
C ILE C 10 12.32 0.91 -14.80
N THR C 11 13.00 -0.20 -14.53
CA THR C 11 12.93 -1.42 -15.35
C THR C 11 12.42 -2.48 -14.40
N LYS C 12 11.38 -3.21 -14.75
CA LYS C 12 10.96 -4.33 -13.91
C LYS C 12 10.73 -5.56 -14.78
N GLU C 13 10.36 -6.64 -14.10
CA GLU C 13 10.12 -7.93 -14.71
C GLU C 13 8.62 -8.12 -14.73
N THR C 14 8.13 -8.99 -15.60
CA THR C 14 6.69 -9.19 -15.68
C THR C 14 6.17 -9.68 -14.34
N GLY C 15 5.09 -9.12 -13.85
CA GLY C 15 4.56 -9.54 -12.57
C GLY C 15 4.99 -8.79 -11.31
N GLU C 16 6.03 -7.95 -11.33
CA GLU C 16 6.40 -7.17 -10.13
C GLU C 16 5.57 -5.92 -10.11
N SER C 17 5.87 -5.03 -9.16
CA SER C 17 5.08 -3.85 -8.96
C SER C 17 5.99 -2.62 -8.93
N LEU C 18 5.59 -1.49 -9.53
CA LEU C 18 6.34 -0.25 -9.28
C LEU C 18 5.49 0.87 -8.64
N THR C 19 6.18 1.86 -8.05
CA THR C 19 5.57 3.10 -7.52
C THR C 19 6.24 4.40 -7.97
N ILE C 20 5.43 5.42 -8.27
CA ILE C 20 5.93 6.75 -8.64
C ILE C 20 5.47 7.83 -7.71
N ASN C 21 6.39 8.66 -7.24
CA ASN C 21 6.15 9.68 -6.20
C ASN C 21 6.22 11.07 -6.85
N CYS C 22 5.39 11.99 -6.37
CA CYS C 22 5.34 13.40 -6.79
C CYS C 22 5.12 14.27 -5.58
N VAL C 23 5.91 15.32 -5.43
CA VAL C 23 5.67 16.23 -4.31
C VAL C 23 5.61 17.62 -4.91
N LEU C 24 4.83 18.55 -4.36
CA LEU C 24 4.91 19.96 -4.79
C LEU C 24 6.02 20.63 -3.99
N ARG C 25 6.93 21.38 -4.62
CA ARG C 25 8.14 21.87 -3.92
C ARG C 25 8.24 23.33 -3.95
N ASP C 26 8.65 23.93 -2.84
CA ASP C 26 8.79 25.39 -2.75
C ASP C 26 7.58 26.09 -3.41
N SER C 27 6.39 25.71 -2.95
CA SER C 27 5.20 26.51 -3.13
C SER C 27 4.28 26.33 -1.88
N ASN C 28 3.29 27.21 -1.73
CA ASN C 28 2.21 26.99 -0.75
C ASN C 28 0.89 27.15 -1.49
N CYS C 29 0.44 26.07 -2.12
CA CYS C 29 -0.78 26.04 -2.89
C CYS C 29 -1.57 24.82 -2.49
N ALA C 30 -2.87 24.91 -2.45
CA ALA C 30 -3.68 23.76 -2.11
C ALA C 30 -3.33 22.60 -3.03
N LEU C 31 -3.21 21.39 -2.56
CA LEU C 31 -3.27 20.27 -3.52
C LEU C 31 -4.71 19.77 -3.45
N SER C 32 -5.50 20.08 -4.49
CA SER C 32 -6.96 19.86 -4.46
C SER C 32 -7.39 18.56 -5.17
N SER C 33 -6.64 18.14 -6.20
CA SER C 33 -6.96 16.93 -6.96
C SER C 33 -5.68 16.53 -7.70
N THR C 34 -5.63 15.27 -8.11
CA THR C 34 -4.48 14.68 -8.79
C THR C 34 -4.84 13.85 -10.01
N TYR C 35 -3.95 13.89 -11.02
CA TYR C 35 -4.09 13.06 -12.26
C TYR C 35 -2.81 12.36 -12.71
N TRP C 36 -2.95 11.25 -13.38
CA TRP C 36 -1.81 10.59 -13.96
C TRP C 36 -2.12 10.28 -15.40
N TYR C 37 -1.07 10.27 -16.20
CA TYR C 37 -1.12 9.99 -17.60
C TYR C 37 0.04 9.07 -18.00
N ARG C 38 -0.15 8.30 -19.07
CA ARG C 38 0.99 7.72 -19.72
C ARG C 38 0.85 7.68 -21.19
N LYS C 39 1.99 7.85 -21.84
CA LYS C 39 2.11 7.65 -23.24
C LYS C 39 2.82 6.34 -23.31
N LYS C 40 2.13 5.33 -23.86
CA LYS C 40 2.64 3.98 -24.09
C LYS C 40 3.78 3.92 -25.08
N SER C 41 4.84 3.18 -24.73
CA SER C 41 6.04 3.10 -25.58
C SER C 41 5.57 2.69 -26.95
N GLY C 42 5.82 3.53 -27.95
CA GLY C 42 5.32 3.25 -29.33
C GLY C 42 4.31 4.20 -29.96
N SER C 43 3.48 4.82 -29.13
CA SER C 43 2.54 5.86 -29.59
C SER C 43 3.07 7.22 -29.20
N THR C 44 2.53 8.24 -29.84
CA THR C 44 2.88 9.62 -29.53
C THR C 44 1.70 10.32 -28.77
N ASN C 45 0.83 9.47 -28.18
CA ASN C 45 -0.44 9.90 -27.54
C ASN C 45 -0.53 9.53 -26.05
N GLU C 46 -0.85 10.53 -25.24
CA GLU C 46 -0.95 10.41 -23.79
C GLU C 46 -2.40 10.17 -23.35
N GLU C 47 -2.65 9.23 -22.45
CA GLU C 47 -4.00 9.11 -21.88
C GLU C 47 -3.97 9.03 -20.36
N SER C 48 -5.13 9.20 -19.73
CA SER C 48 -5.17 9.22 -18.24
C SER C 48 -5.32 7.83 -17.65
N ILE C 49 -4.65 7.55 -16.54
CA ILE C 49 -4.89 6.28 -15.83
C ILE C 49 -6.17 6.45 -15.01
N SER C 50 -6.91 5.36 -14.92
CA SER C 50 -8.10 5.24 -14.15
C SER C 50 -7.69 4.71 -12.77
N LYS C 51 -7.56 5.56 -11.77
CA LYS C 51 -7.32 5.06 -10.40
C LYS C 51 -8.25 3.89 -10.07
N GLY C 52 -7.69 2.84 -9.47
CA GLY C 52 -8.43 1.60 -9.17
C GLY C 52 -7.68 0.37 -9.63
N GLY C 53 -8.20 -0.80 -9.22
CA GLY C 53 -7.56 -2.10 -9.43
C GLY C 53 -6.05 -2.15 -9.28
N ARG C 54 -5.34 -2.11 -10.40
CA ARG C 54 -3.90 -2.27 -10.31
C ARG C 54 -3.23 -0.91 -10.14
N TYR C 55 -4.01 0.17 -10.04
CA TYR C 55 -3.45 1.53 -9.99
C TYR C 55 -3.81 2.10 -8.65
N VAL C 56 -2.85 2.21 -7.74
CA VAL C 56 -3.17 2.65 -6.39
C VAL C 56 -2.48 3.95 -5.91
N GLU C 57 -3.28 5.01 -5.80
CA GLU C 57 -2.78 6.33 -5.46
C GLU C 57 -2.89 6.66 -4.01
N THR C 58 -1.76 6.92 -3.34
CA THR C 58 -1.75 7.52 -2.01
C THR C 58 -1.59 9.03 -2.22
N VAL C 59 -2.48 9.80 -1.60
CA VAL C 59 -2.47 11.24 -1.71
C VAL C 59 -2.11 11.70 -0.34
N ASN C 60 -1.20 12.66 -0.24
CA ASN C 60 -0.67 13.10 1.06
C ASN C 60 -0.98 14.62 1.14
N SER C 61 -2.25 14.94 1.28
CA SER C 61 -2.67 16.30 1.11
C SER C 61 -1.92 17.25 2.04
N GLY C 62 -1.78 16.84 3.31
CA GLY C 62 -0.94 17.53 4.25
C GLY C 62 0.26 18.11 3.54
N SER C 63 1.23 17.29 3.22
CA SER C 63 2.51 17.76 2.73
C SER C 63 2.67 17.86 1.20
N LYS C 64 1.61 18.24 0.50
CA LYS C 64 1.55 18.25 -0.99
C LYS C 64 2.29 17.13 -1.66
N SER C 65 1.84 15.92 -1.49
CA SER C 65 2.59 14.83 -2.05
C SER C 65 1.63 13.71 -2.46
N PHE C 66 1.90 13.10 -3.57
CA PHE C 66 1.05 12.02 -3.92
C PHE C 66 1.81 11.06 -4.78
N SER C 67 1.38 9.81 -4.75
CA SER C 67 2.10 8.76 -5.39
C SER C 67 1.15 7.68 -5.96
N LEU C 68 1.62 6.97 -7.01
CA LEU C 68 0.87 5.94 -7.72
C LEU C 68 1.63 4.62 -7.67
N ARG C 69 0.97 3.56 -7.20
CA ARG C 69 1.55 2.20 -7.27
C ARG C 69 0.86 1.35 -8.37
N ILE C 70 1.65 0.67 -9.21
CA ILE C 70 1.10 -0.24 -10.25
C ILE C 70 1.49 -1.69 -9.96
N ASN C 71 0.50 -2.54 -9.77
CA ASN C 71 0.74 -3.95 -9.45
C ASN C 71 0.54 -4.84 -10.64
N ASP C 72 1.26 -5.95 -10.64
CA ASP C 72 1.12 -6.95 -11.69
C ASP C 72 1.44 -6.40 -13.05
N LEU C 73 2.66 -5.94 -13.20
CA LEU C 73 3.14 -5.34 -14.41
C LEU C 73 3.28 -6.34 -15.53
N THR C 74 3.07 -5.85 -16.76
CA THR C 74 3.30 -6.56 -18.01
C THR C 74 3.77 -5.55 -19.07
N VAL C 75 4.10 -6.02 -20.28
CA VAL C 75 4.75 -5.17 -21.25
C VAL C 75 3.75 -4.12 -21.62
N GLU C 76 2.46 -4.45 -21.52
CA GLU C 76 1.38 -3.48 -21.68
C GLU C 76 1.61 -2.22 -20.86
N ASP C 77 2.38 -2.29 -19.77
CA ASP C 77 2.48 -1.13 -18.89
C ASP C 77 3.65 -0.24 -19.22
N SER C 78 4.52 -0.70 -20.12
CA SER C 78 5.68 0.08 -20.55
C SER C 78 5.23 1.40 -21.19
N GLY C 79 5.98 2.45 -20.92
CA GLY C 79 5.62 3.79 -21.36
C GLY C 79 6.19 4.83 -20.42
N THR C 80 5.93 6.09 -20.71
CA THR C 80 6.37 7.20 -19.91
C THR C 80 5.20 7.69 -19.11
N TYR C 81 5.42 7.92 -17.82
CA TYR C 81 4.37 8.28 -16.88
C TYR C 81 4.57 9.69 -16.35
N ARG C 82 3.50 10.48 -16.38
CA ARG C 82 3.48 11.84 -15.81
C ARG C 82 2.36 12.01 -14.83
N CYS C 83 2.67 12.74 -13.77
CA CYS C 83 1.70 13.20 -12.76
C CYS C 83 1.40 14.66 -13.03
N LYS C 84 0.28 15.15 -12.50
CA LYS C 84 -0.26 16.50 -12.76
C LYS C 84 -1.18 16.89 -11.61
N PRO C 85 -0.79 17.92 -10.83
CA PRO C 85 -1.57 18.38 -9.67
C PRO C 85 -2.59 19.42 -10.11
N GLU C 86 -3.73 19.43 -9.42
CA GLU C 86 -4.72 20.49 -9.58
C GLU C 86 -4.89 21.22 -8.24
N SER C 87 -4.75 22.53 -8.28
CA SER C 87 -5.00 23.29 -7.08
C SER C 87 -5.94 24.47 -7.33
N ARG C 88 -6.95 24.57 -6.49
CA ARG C 88 -8.01 25.55 -6.65
C ARG C 88 -7.85 26.72 -5.67
N TYR C 89 -8.74 27.68 -5.81
CA TYR C 89 -8.57 28.97 -5.18
C TYR C 89 -9.89 29.65 -5.44
N GLY C 90 -10.24 30.61 -4.56
CA GLY C 90 -11.48 31.35 -4.68
C GLY C 90 -11.33 32.53 -5.60
N SER C 91 -10.70 33.56 -5.10
CA SER C 91 -10.25 34.65 -5.93
C SER C 91 -8.88 34.27 -6.48
N TYR C 92 -8.51 34.95 -7.56
CA TYR C 92 -7.35 34.63 -8.41
C TYR C 92 -5.99 34.64 -7.72
N ASP C 93 -5.23 33.58 -7.89
CA ASP C 93 -3.90 33.46 -7.30
C ASP C 93 -2.91 33.16 -8.40
N ALA C 94 -2.20 34.16 -8.86
CA ALA C 94 -1.29 33.95 -9.98
C ALA C 94 -0.29 32.75 -9.76
N GLU C 95 0.05 32.45 -8.49
CA GLU C 95 1.04 31.39 -8.20
C GLU C 95 0.37 30.05 -8.44
N CYS C 96 -0.82 29.83 -7.88
CA CYS C 96 -1.49 28.56 -8.11
C CYS C 96 -2.08 28.39 -9.51
N ALA C 97 -2.45 29.47 -10.21
CA ALA C 97 -2.78 29.33 -11.63
C ALA C 97 -1.61 28.66 -12.37
N ALA C 98 -0.41 29.11 -12.08
CA ALA C 98 0.80 28.54 -12.67
C ALA C 98 0.90 27.05 -12.39
N LEU C 99 0.72 26.66 -11.12
CA LEU C 99 0.94 25.29 -10.67
C LEU C 99 0.03 24.32 -11.42
N ASN C 100 -1.15 24.83 -11.81
CA ASN C 100 -2.15 24.09 -12.55
C ASN C 100 -1.78 23.72 -13.99
N ASP C 101 -0.66 24.31 -14.46
CA ASP C 101 -0.03 23.98 -15.73
C ASP C 101 1.24 23.14 -15.60
N GLN C 102 1.84 23.04 -14.42
CA GLN C 102 3.07 22.21 -14.28
C GLN C 102 2.67 20.70 -14.27
N TYR C 103 3.47 19.89 -14.95
CA TYR C 103 3.42 18.44 -14.79
C TYR C 103 4.69 17.94 -14.05
N GLY C 104 4.70 16.70 -13.63
CA GLY C 104 5.98 16.10 -13.24
C GLY C 104 6.93 15.79 -14.40
N GLY C 105 8.19 15.59 -14.09
CA GLY C 105 9.17 15.50 -15.11
C GLY C 105 9.25 14.16 -15.83
N GLY C 106 8.29 13.29 -15.56
CA GLY C 106 8.30 11.95 -16.15
C GLY C 106 9.14 10.85 -15.50
N THR C 107 8.60 9.65 -15.59
CA THR C 107 9.27 8.38 -15.30
C THR C 107 9.11 7.52 -16.52
N VAL C 108 10.21 7.12 -17.16
CA VAL C 108 10.13 6.16 -18.28
C VAL C 108 10.21 4.74 -17.71
N VAL C 109 9.15 3.93 -17.99
CA VAL C 109 9.00 2.55 -17.48
C VAL C 109 9.14 1.46 -18.54
N THR C 110 10.04 0.52 -18.31
CA THR C 110 10.22 -0.65 -19.20
C THR C 110 9.96 -1.99 -18.47
N VAL C 111 9.07 -2.81 -19.01
CA VAL C 111 8.69 -4.07 -18.39
C VAL C 111 9.17 -5.27 -19.22
N ASN C 112 10.27 -5.92 -18.81
CA ASN C 112 10.84 -7.07 -19.55
C ASN C 112 9.85 -8.26 -19.53
N ALA C 113 9.71 -8.88 -20.67
CA ALA C 113 8.99 -10.14 -20.72
C ALA C 113 9.89 -11.12 -21.48
N ALA C 114 10.69 -11.89 -20.75
CA ALA C 114 11.60 -12.83 -21.40
C ALA C 114 11.45 -14.25 -20.86
N ALA C 115 11.42 -15.21 -21.78
CA ALA C 115 11.30 -16.62 -21.46
C ALA C 115 12.30 -16.98 -20.32
N HIS C 116 11.76 -17.62 -19.29
CA HIS C 116 12.53 -18.09 -18.15
C HIS C 116 13.11 -16.96 -17.24
N HIS C 117 12.42 -15.81 -17.21
CA HIS C 117 12.73 -14.68 -16.32
C HIS C 117 11.61 -14.34 -15.32
N HIS C 118 12.00 -14.34 -14.03
CA HIS C 118 11.14 -14.13 -12.88
C HIS C 118 11.83 -13.09 -11.99
N LYS D 1 -24.11 47.81 -6.39
CA LYS D 1 -24.28 48.20 -4.96
C LYS D 1 -22.98 48.08 -4.11
N VAL D 2 -22.67 49.17 -3.42
CA VAL D 2 -21.62 49.23 -2.43
C VAL D 2 -22.28 49.11 -1.03
N PHE D 3 -21.97 48.06 -0.29
CA PHE D 3 -22.55 47.89 1.06
C PHE D 3 -21.78 48.75 2.04
N GLY D 4 -22.46 49.36 3.00
CA GLY D 4 -21.74 49.88 4.17
C GLY D 4 -21.23 48.69 5.01
N ARG D 5 -20.13 48.90 5.73
CA ARG D 5 -19.53 47.87 6.58
C ARG D 5 -20.57 47.08 7.43
N CYS D 6 -21.36 47.84 8.18
CA CYS D 6 -22.33 47.27 9.12
C CYS D 6 -23.62 46.74 8.46
N GLU D 7 -23.99 47.35 7.35
CA GLU D 7 -25.07 46.85 6.53
C GLU D 7 -24.72 45.45 6.08
N LEU D 8 -23.49 45.26 5.61
CA LEU D 8 -23.11 43.99 5.09
C LEU D 8 -23.02 43.07 6.23
N ALA D 9 -22.45 43.51 7.36
CA ALA D 9 -22.37 42.58 8.54
C ALA D 9 -23.74 42.00 8.84
N ALA D 10 -24.78 42.83 8.86
CA ALA D 10 -26.06 42.28 9.26
C ALA D 10 -26.55 41.19 8.30
N ALA D 11 -26.33 41.39 6.99
CA ALA D 11 -26.74 40.44 5.94
C ALA D 11 -26.02 39.09 6.05
N MET D 12 -24.72 39.14 6.20
CA MET D 12 -23.98 37.93 6.40
C MET D 12 -24.49 37.17 7.63
N LYS D 13 -24.76 37.86 8.72
CA LYS D 13 -25.21 37.16 9.90
C LYS D 13 -26.46 36.37 9.62
N ARG D 14 -27.38 37.01 8.89
CA ARG D 14 -28.62 36.33 8.46
C ARG D 14 -28.37 35.14 7.53
N HIS D 15 -27.34 35.16 6.71
CA HIS D 15 -27.05 34.02 5.86
C HIS D 15 -26.20 32.96 6.53
N GLY D 16 -25.94 33.10 7.84
CA GLY D 16 -25.41 32.01 8.65
C GLY D 16 -23.89 31.86 8.61
N LEU D 17 -23.19 32.91 8.17
CA LEU D 17 -21.72 32.84 8.01
C LEU D 17 -20.94 32.93 9.31
N ASP D 18 -21.57 33.36 10.40
CA ASP D 18 -20.90 33.50 11.69
C ASP D 18 -20.59 32.13 12.28
N ASN D 19 -19.29 31.92 12.49
CA ASN D 19 -18.71 30.63 12.82
C ASN D 19 -18.93 29.55 11.81
N TYR D 20 -19.22 29.93 10.58
CA TYR D 20 -19.37 28.91 9.56
C TYR D 20 -18.00 28.33 9.18
N ARG D 21 -17.90 27.00 9.29
CA ARG D 21 -16.67 26.27 9.09
C ARG D 21 -15.56 26.77 10.01
N GLY D 22 -15.95 27.27 11.18
CA GLY D 22 -15.00 27.83 12.14
C GLY D 22 -14.58 29.27 11.95
N TYR D 23 -15.09 29.96 10.95
CA TYR D 23 -14.72 31.36 10.68
C TYR D 23 -15.74 32.33 11.23
N SER D 24 -15.29 33.25 12.09
CA SER D 24 -16.16 34.17 12.79
C SER D 24 -16.60 35.21 11.81
N LEU D 25 -17.78 35.78 12.06
CA LEU D 25 -18.40 36.68 11.08
C LEU D 25 -17.44 37.74 10.53
N GLY D 26 -16.56 38.27 11.38
CA GLY D 26 -15.57 39.27 10.97
C GLY D 26 -14.66 38.87 9.81
N ASN D 27 -14.41 37.57 9.63
CA ASN D 27 -13.55 37.14 8.58
C ASN D 27 -14.27 37.38 7.27
N TRP D 28 -15.59 37.28 7.31
CA TRP D 28 -16.38 37.42 6.11
C TRP D 28 -16.53 38.88 5.65
N VAL D 29 -16.68 39.82 6.57
CA VAL D 29 -16.80 41.25 6.25
C VAL D 29 -15.44 41.73 5.75
N CYS D 30 -14.42 41.24 6.44
CA CYS D 30 -13.08 41.62 6.16
C CYS D 30 -12.67 41.16 4.82
N ALA D 31 -12.99 39.94 4.44
CA ALA D 31 -12.66 39.43 3.08
C ALA D 31 -13.37 40.23 2.03
N ALA D 32 -14.66 40.49 2.24
CA ALA D 32 -15.40 41.32 1.31
C ALA D 32 -14.72 42.69 1.09
N LYS D 33 -14.16 43.25 2.17
CA LYS D 33 -13.57 44.56 2.10
C LYS D 33 -12.41 44.59 1.14
N PHE D 34 -11.59 43.56 1.22
CA PHE D 34 -10.31 43.59 0.53
C PHE D 34 -10.34 42.96 -0.84
N GLU D 35 -11.31 42.07 -1.07
CA GLU D 35 -11.63 41.58 -2.40
C GLU D 35 -12.33 42.67 -3.22
N SER D 36 -13.50 43.15 -2.81
CA SER D 36 -14.34 44.04 -3.69
C SER D 36 -14.56 45.45 -3.21
N ASN D 37 -14.02 45.78 -2.05
CA ASN D 37 -14.35 47.01 -1.34
C ASN D 37 -15.86 47.13 -1.06
N PHE D 38 -16.48 46.00 -0.79
CA PHE D 38 -17.92 45.89 -0.51
C PHE D 38 -18.81 46.15 -1.75
N ASN D 39 -18.22 46.07 -2.94
CA ASN D 39 -18.94 46.50 -4.16
C ASN D 39 -19.46 45.26 -4.90
N THR D 40 -20.78 45.21 -5.15
CA THR D 40 -21.41 43.96 -5.59
C THR D 40 -21.19 43.74 -7.06
N GLN D 41 -20.80 44.80 -7.71
CA GLN D 41 -20.59 44.76 -9.12
C GLN D 41 -19.11 44.59 -9.48
N ALA D 42 -18.20 44.55 -8.50
CA ALA D 42 -16.77 44.51 -8.79
C ALA D 42 -16.43 43.39 -9.79
N THR D 43 -15.66 43.72 -10.83
CA THR D 43 -15.13 42.66 -11.71
C THR D 43 -13.68 42.91 -12.10
N ASN D 44 -12.84 41.88 -11.99
CA ASN D 44 -11.44 41.96 -12.45
C ASN D 44 -10.95 40.84 -13.38
N ARG D 45 -10.57 41.23 -14.59
CA ARG D 45 -10.03 40.31 -15.59
C ARG D 45 -8.60 39.94 -15.24
N ASN D 46 -8.30 38.63 -15.23
CA ASN D 46 -7.00 38.12 -14.81
C ASN D 46 -6.17 37.67 -15.97
N THR D 47 -4.86 37.56 -15.80
CA THR D 47 -4.02 37.21 -16.95
C THR D 47 -4.44 35.98 -17.74
N ASP D 48 -5.14 35.04 -17.13
CA ASP D 48 -5.46 33.76 -17.79
C ASP D 48 -6.76 33.71 -18.54
N GLY D 49 -7.37 34.86 -18.83
CA GLY D 49 -8.72 34.91 -19.38
C GLY D 49 -9.87 34.56 -18.42
N SER D 50 -9.59 34.30 -17.15
CA SER D 50 -10.65 34.17 -16.16
C SER D 50 -11.04 35.56 -15.66
N THR D 51 -12.11 35.67 -14.89
CA THR D 51 -12.50 36.90 -14.25
C THR D 51 -13.01 36.69 -12.81
N ASP D 52 -12.74 37.67 -11.95
CA ASP D 52 -13.27 37.63 -10.59
C ASP D 52 -14.52 38.46 -10.50
N TYR D 53 -15.56 37.82 -9.92
CA TYR D 53 -16.90 38.39 -9.89
C TYR D 53 -17.48 38.58 -8.51
N GLY D 54 -17.94 39.78 -8.24
CA GLY D 54 -18.84 40.09 -7.12
C GLY D 54 -18.17 40.47 -5.82
N ILE D 55 -18.93 40.32 -4.75
CA ILE D 55 -18.56 40.92 -3.51
C ILE D 55 -17.37 40.19 -2.92
N LEU D 56 -17.26 38.90 -3.23
CA LEU D 56 -16.14 38.08 -2.79
C LEU D 56 -15.15 37.66 -3.92
N GLN D 57 -15.19 38.37 -5.03
CA GLN D 57 -14.27 38.14 -6.14
C GLN D 57 -14.04 36.64 -6.52
N ILE D 58 -15.16 35.91 -6.53
CA ILE D 58 -15.21 34.50 -6.94
C ILE D 58 -14.84 34.34 -8.43
N ASN D 59 -14.01 33.33 -8.74
CA ASN D 59 -13.24 33.23 -10.03
C ASN D 59 -13.79 32.24 -11.11
N SER D 60 -13.90 32.69 -12.37
CA SER D 60 -14.60 31.91 -13.41
C SER D 60 -13.90 30.63 -13.88
N ARG D 61 -12.66 30.44 -13.50
CA ARG D 61 -11.96 29.24 -13.91
C ARG D 61 -12.54 28.07 -13.15
N TRP D 62 -12.89 28.28 -11.88
CA TRP D 62 -13.42 27.17 -11.11
C TRP D 62 -14.90 27.21 -10.75
N TRP D 63 -15.50 28.37 -10.50
CA TRP D 63 -16.73 28.35 -9.69
C TRP D 63 -18.02 28.57 -10.46
N CYS D 64 -17.97 29.43 -11.48
CA CYS D 64 -19.14 29.82 -12.29
C CYS D 64 -18.69 30.04 -13.73
N ASN D 65 -19.58 29.94 -14.72
CA ASN D 65 -19.21 30.17 -16.13
C ASN D 65 -19.74 31.52 -16.66
N ASP D 66 -18.91 32.21 -17.45
CA ASP D 66 -19.25 33.51 -18.01
C ASP D 66 -19.15 33.45 -19.51
N GLY D 67 -19.08 32.21 -20.01
CA GLY D 67 -18.99 31.98 -21.42
C GLY D 67 -17.74 32.49 -22.06
N ARG D 68 -16.74 32.86 -21.27
CA ARG D 68 -15.54 33.45 -21.87
C ARG D 68 -14.23 33.05 -21.16
N THR D 69 -14.27 31.95 -20.44
CA THR D 69 -13.11 31.58 -19.68
C THR D 69 -12.74 30.21 -20.17
N PRO D 70 -11.48 30.03 -20.62
CA PRO D 70 -10.90 28.72 -20.93
C PRO D 70 -10.93 27.69 -19.76
N GLY D 71 -11.56 26.52 -20.02
CA GLY D 71 -11.65 25.42 -19.03
C GLY D 71 -12.42 25.72 -17.73
N SER D 72 -13.38 26.64 -17.79
CA SER D 72 -14.30 26.82 -16.66
C SER D 72 -14.90 25.50 -16.15
N ARG D 73 -14.74 25.20 -14.86
CA ARG D 73 -15.40 24.01 -14.29
C ARG D 73 -16.80 24.25 -13.73
N ASN D 74 -17.19 25.51 -13.60
CA ASN D 74 -18.47 25.81 -13.01
C ASN D 74 -18.88 24.98 -11.76
N LEU D 75 -18.01 24.89 -10.76
CA LEU D 75 -18.30 24.01 -9.61
C LEU D 75 -19.53 24.48 -8.84
N CYS D 76 -19.79 25.78 -8.77
CA CYS D 76 -21.06 26.22 -8.18
C CYS D 76 -22.24 26.18 -9.14
N ASN D 77 -22.02 25.77 -10.36
CA ASN D 77 -23.17 25.50 -11.19
C ASN D 77 -24.07 26.72 -11.31
N ILE D 78 -23.45 27.86 -11.65
CA ILE D 78 -24.15 29.13 -11.82
C ILE D 78 -23.47 29.99 -12.85
N PRO D 79 -24.26 30.83 -13.52
CA PRO D 79 -23.68 31.77 -14.41
C PRO D 79 -23.00 32.84 -13.56
N CYS D 80 -21.99 33.53 -14.10
CA CYS D 80 -21.23 34.45 -13.27
C CYS D 80 -22.07 35.72 -12.99
N SER D 81 -23.01 35.98 -13.86
CA SER D 81 -24.00 37.01 -13.63
C SER D 81 -24.77 36.82 -12.30
N ALA D 82 -25.06 35.59 -11.89
CA ALA D 82 -25.65 35.41 -10.55
C ALA D 82 -24.83 36.12 -9.43
N LEU D 83 -23.51 36.25 -9.58
CA LEU D 83 -22.67 36.87 -8.50
C LEU D 83 -22.57 38.42 -8.46
N LEU D 84 -23.18 39.10 -9.41
CA LEU D 84 -23.20 40.57 -9.49
C LEU D 84 -24.64 40.96 -9.29
N SER D 85 -25.13 40.98 -8.05
CA SER D 85 -26.54 41.17 -7.76
C SER D 85 -26.51 41.85 -6.43
N SER D 86 -27.33 42.86 -6.20
CA SER D 86 -27.38 43.45 -4.85
C SER D 86 -27.91 42.50 -3.73
N ASP D 87 -28.43 41.35 -4.10
CA ASP D 87 -28.79 40.31 -3.19
C ASP D 87 -27.56 39.40 -3.06
N ILE D 88 -26.99 39.27 -1.86
CA ILE D 88 -25.77 38.48 -1.76
C ILE D 88 -25.95 36.96 -1.74
N THR D 89 -27.18 36.46 -1.74
CA THR D 89 -27.45 35.01 -1.67
C THR D 89 -26.58 34.08 -2.49
N ALA D 90 -26.54 34.22 -3.81
CA ALA D 90 -25.70 33.29 -4.63
C ALA D 90 -24.21 33.33 -4.27
N SER D 91 -23.63 34.50 -4.06
CA SER D 91 -22.23 34.62 -3.62
C SER D 91 -21.98 33.95 -2.28
N VAL D 92 -22.92 34.14 -1.36
CA VAL D 92 -22.79 33.56 -0.03
C VAL D 92 -22.83 32.08 -0.20
N ASN D 93 -23.82 31.58 -0.93
CA ASN D 93 -23.94 30.12 -1.17
C ASN D 93 -22.75 29.51 -1.91
N CYS D 94 -22.08 30.24 -2.75
CA CYS D 94 -20.96 29.65 -3.46
C CYS D 94 -19.69 29.78 -2.60
N ALA D 95 -19.58 30.86 -1.84
CA ALA D 95 -18.54 30.98 -0.82
C ALA D 95 -18.57 29.78 0.16
N LYS D 96 -19.76 29.36 0.56
CA LYS D 96 -19.82 28.22 1.43
C LYS D 96 -19.16 27.05 0.79
N LYS D 97 -19.45 26.76 -0.46
CA LYS D 97 -18.84 25.60 -1.13
C LYS D 97 -17.34 25.83 -1.23
N ILE D 98 -16.93 27.05 -1.52
CA ILE D 98 -15.50 27.33 -1.67
C ILE D 98 -14.74 27.10 -0.33
N VAL D 99 -15.25 27.69 0.77
CA VAL D 99 -14.63 27.56 2.07
C VAL D 99 -14.64 26.11 2.56
N SER D 100 -15.60 25.33 2.03
CA SER D 100 -15.76 23.87 2.32
C SER D 100 -14.88 22.91 1.51
N ASP D 101 -14.00 23.44 0.64
CA ASP D 101 -13.30 22.69 -0.43
C ASP D 101 -11.92 22.20 0.00
N GLY D 102 -11.47 22.48 1.19
CA GLY D 102 -10.25 21.79 1.71
C GLY D 102 -9.14 22.73 2.14
N ASN D 103 -9.22 24.00 1.72
CA ASN D 103 -8.24 25.04 2.04
C ASN D 103 -8.80 26.15 2.96
N GLY D 104 -10.02 26.04 3.47
CA GLY D 104 -10.57 27.12 4.32
C GLY D 104 -10.77 28.45 3.57
N MET D 105 -10.65 29.58 4.27
CA MET D 105 -10.71 30.91 3.61
C MET D 105 -9.32 31.30 3.11
N ASN D 106 -8.32 30.42 3.17
CA ASN D 106 -7.09 30.66 2.38
C ASN D 106 -7.38 30.60 0.88
N ALA D 107 -8.56 30.11 0.50
CA ALA D 107 -9.07 30.22 -0.88
C ALA D 107 -9.10 31.69 -1.40
N TRP D 108 -9.27 32.64 -0.51
CA TRP D 108 -9.27 34.03 -0.90
C TRP D 108 -7.96 34.70 -0.54
N VAL D 109 -7.26 35.13 -1.58
CA VAL D 109 -5.98 35.82 -1.51
C VAL D 109 -6.00 37.09 -0.60
N ALA D 110 -7.02 37.92 -0.75
CA ALA D 110 -7.10 39.18 -0.05
C ALA D 110 -7.31 38.92 1.47
N TRP D 111 -8.17 37.97 1.84
CA TRP D 111 -8.26 37.48 3.25
C TRP D 111 -6.89 37.00 3.77
N ARG D 112 -6.20 36.28 2.92
CA ARG D 112 -4.91 35.73 3.28
C ARG D 112 -3.92 36.80 3.62
N ASN D 113 -3.93 37.89 2.89
CA ASN D 113 -2.93 38.97 3.04
C ASN D 113 -3.34 40.07 4.03
N ARG D 114 -4.63 40.21 4.33
CA ARG D 114 -5.10 41.34 5.13
C ARG D 114 -6.01 41.00 6.28
N CYS D 115 -6.52 39.77 6.39
CA CYS D 115 -7.38 39.43 7.50
C CYS D 115 -6.82 38.32 8.39
N LYS D 116 -6.19 37.29 7.82
CA LYS D 116 -5.79 36.10 8.58
C LYS D 116 -4.83 36.47 9.70
N GLY D 117 -5.12 36.04 10.92
CA GLY D 117 -4.29 36.36 12.07
C GLY D 117 -4.26 37.83 12.45
N THR D 118 -5.29 38.58 11.99
CA THR D 118 -5.56 39.93 12.50
C THR D 118 -6.78 39.82 13.46
N ASP D 119 -7.19 40.93 14.06
CA ASP D 119 -8.38 40.98 14.92
C ASP D 119 -9.61 41.35 14.10
N VAL D 120 -10.13 40.36 13.42
CA VAL D 120 -11.23 40.53 12.49
C VAL D 120 -12.55 40.89 13.12
N GLN D 121 -12.71 40.61 14.37
CA GLN D 121 -13.92 41.02 14.99
C GLN D 121 -14.05 42.60 14.98
N ALA D 122 -12.94 43.34 14.88
CA ALA D 122 -13.08 44.80 14.68
C ALA D 122 -14.10 45.13 13.60
N TRP D 123 -14.09 44.35 12.54
CA TRP D 123 -14.97 44.55 11.41
C TRP D 123 -16.45 44.48 11.78
N ILE D 124 -16.82 43.92 12.94
CA ILE D 124 -18.29 43.85 13.29
C ILE D 124 -18.64 44.70 14.46
N ARG D 125 -17.65 45.43 14.97
CA ARG D 125 -17.83 46.24 16.15
C ARG D 125 -18.54 47.55 15.79
N GLY D 126 -19.58 47.88 16.54
CA GLY D 126 -20.37 49.10 16.35
C GLY D 126 -21.63 48.87 15.51
N CYS D 127 -21.79 47.67 14.97
CA CYS D 127 -22.91 47.30 14.09
C CYS D 127 -24.20 46.80 14.78
N ARG D 128 -24.22 46.71 16.10
CA ARG D 128 -25.44 46.32 16.83
C ARG D 128 -26.12 45.06 16.25
N LEU D 129 -25.47 43.88 16.34
CA LEU D 129 -25.90 42.70 15.58
C LEU D 129 -26.80 41.74 16.36
N ARG E 2 -0.08 -12.48 9.54
CA ARG E 2 0.33 -11.21 10.17
C ARG E 2 -0.16 -10.00 9.40
N VAL E 3 -0.81 -9.09 10.11
CA VAL E 3 -1.48 -8.01 9.48
C VAL E 3 -0.77 -6.76 9.95
N ASP E 4 -0.33 -5.95 8.99
CA ASP E 4 0.39 -4.74 9.33
C ASP E 4 -0.47 -3.53 9.14
N GLN E 5 -0.75 -2.84 10.25
CA GLN E 5 -1.59 -1.64 10.26
C GLN E 5 -0.76 -0.40 10.54
N THR E 6 -1.06 0.67 9.82
CA THR E 6 -0.34 1.95 9.89
C THR E 6 -1.27 3.14 9.63
N PRO E 7 -0.95 4.31 10.21
CA PRO E 7 0.10 4.60 11.22
C PRO E 7 -0.29 4.11 12.62
N GLN E 8 0.64 4.28 13.58
CA GLN E 8 0.44 3.85 14.98
C GLN E 8 -0.45 4.80 15.77
N THR E 9 -0.43 6.08 15.39
CA THR E 9 -1.23 7.14 16.05
C THR E 9 -1.50 8.28 15.02
N ILE E 10 -2.64 8.98 15.12
CA ILE E 10 -3.01 10.12 14.26
C ILE E 10 -3.53 11.20 15.19
N THR E 11 -3.17 12.49 15.01
CA THR E 11 -3.89 13.61 15.71
C THR E 11 -4.57 14.53 14.69
N LYS E 12 -5.75 15.03 14.98
CA LYS E 12 -6.40 15.88 14.02
C LYS E 12 -7.27 16.92 14.71
N GLU E 13 -7.64 17.93 13.94
CA GLU E 13 -8.56 18.95 14.32
C GLU E 13 -9.94 18.56 13.84
N THR E 14 -10.98 18.97 14.59
CA THR E 14 -12.35 18.83 14.19
C THR E 14 -12.59 19.23 12.68
N GLY E 15 -13.31 18.38 11.96
CA GLY E 15 -13.60 18.61 10.56
C GLY E 15 -12.63 17.96 9.61
N GLU E 16 -11.42 17.65 10.07
CA GLU E 16 -10.42 17.00 9.23
C GLU E 16 -10.83 15.54 8.90
N SER E 17 -10.04 14.88 8.05
CA SER E 17 -10.23 13.47 7.81
C SER E 17 -8.93 12.71 8.09
N LEU E 18 -9.05 11.41 8.32
CA LEU E 18 -7.90 10.57 8.60
C LEU E 18 -8.05 9.29 7.77
N THR E 19 -6.95 8.62 7.49
CA THR E 19 -7.03 7.30 6.83
C THR E 19 -6.20 6.31 7.56
N ILE E 20 -6.72 5.10 7.81
CA ILE E 20 -5.89 4.00 8.41
C ILE E 20 -5.69 2.88 7.38
N ASN E 21 -4.49 2.30 7.32
CA ASN E 21 -4.13 1.25 6.35
C ASN E 21 -3.78 -0.12 6.91
N CYS E 22 -4.22 -1.20 6.27
CA CYS E 22 -3.85 -2.57 6.65
C CYS E 22 -3.41 -3.40 5.47
N VAL E 23 -2.46 -4.31 5.67
CA VAL E 23 -2.04 -5.21 4.58
C VAL E 23 -1.68 -6.59 5.12
N LEU E 24 -2.02 -7.66 4.40
CA LEU E 24 -1.64 -9.04 4.81
C LEU E 24 -0.17 -9.31 4.47
N ARG E 25 0.68 -9.40 5.47
CA ARG E 25 2.10 -9.71 5.23
C ARG E 25 2.33 -11.13 4.67
N ASP E 26 3.14 -11.23 3.62
CA ASP E 26 3.67 -12.50 3.09
C ASP E 26 2.85 -13.75 3.42
N SER E 27 1.69 -13.83 2.77
CA SER E 27 0.79 -15.00 2.79
C SER E 27 0.20 -15.21 1.39
N ASN E 28 -0.32 -16.39 1.12
CA ASN E 28 -1.15 -16.61 -0.08
C ASN E 28 -2.64 -16.81 0.29
N CYS E 29 -3.05 -16.31 1.47
CA CYS E 29 -4.44 -16.42 1.94
C CYS E 29 -5.30 -15.34 1.34
N ALA E 30 -6.45 -15.74 0.84
CA ALA E 30 -7.36 -14.81 0.22
C ALA E 30 -7.81 -13.78 1.24
N LEU E 31 -7.94 -12.55 0.81
CA LEU E 31 -8.60 -11.54 1.60
C LEU E 31 -10.07 -11.60 1.21
N SER E 32 -10.93 -12.25 2.03
CA SER E 32 -12.35 -12.49 1.65
C SER E 32 -13.30 -11.41 2.19
N SER E 33 -13.16 -11.06 3.47
CA SER E 33 -13.92 -9.92 4.09
C SER E 33 -13.03 -9.12 5.01
N THR E 34 -13.45 -7.91 5.30
CA THR E 34 -12.65 -7.05 6.14
C THR E 34 -13.58 -6.39 7.15
N TYR E 35 -13.08 -6.15 8.37
CA TYR E 35 -13.91 -5.51 9.43
C TYR E 35 -13.13 -4.45 10.08
N TRP E 36 -13.82 -3.50 10.67
CA TRP E 36 -13.17 -2.45 11.45
C TRP E 36 -13.84 -2.26 12.81
N TYR E 37 -13.02 -2.00 13.82
CA TYR E 37 -13.43 -1.88 15.19
C TYR E 37 -12.72 -0.72 15.87
N ARG E 38 -13.40 -0.12 16.84
CA ARG E 38 -12.91 1.08 17.52
C ARG E 38 -13.17 0.87 18.99
N LYS E 39 -12.19 1.17 19.84
CA LYS E 39 -12.43 1.23 21.28
C LYS E 39 -12.32 2.70 21.72
N LYS E 40 -13.36 3.18 22.39
CA LYS E 40 -13.45 4.59 22.81
C LYS E 40 -12.63 4.87 24.07
N SER E 41 -12.21 6.14 24.19
CA SER E 41 -11.27 6.58 25.24
C SER E 41 -11.74 6.24 26.67
N GLY E 42 -11.20 5.22 27.29
CA GLY E 42 -11.52 4.94 28.72
C GLY E 42 -12.61 3.91 28.89
N SER E 43 -13.62 3.91 28.02
CA SER E 43 -14.57 2.78 27.95
C SER E 43 -13.85 1.59 27.30
N THR E 44 -14.18 0.40 27.71
CA THR E 44 -13.27 -0.69 27.48
C THR E 44 -13.98 -1.93 26.89
N ASN E 45 -14.84 -1.64 25.92
CA ASN E 45 -15.55 -2.66 25.14
C ASN E 45 -15.44 -2.17 23.68
N GLU E 46 -14.92 -3.05 22.84
CA GLU E 46 -14.65 -2.72 21.48
C GLU E 46 -15.95 -2.76 20.71
N GLU E 47 -16.16 -1.80 19.82
CA GLU E 47 -17.36 -1.75 18.98
C GLU E 47 -17.06 -1.84 17.46
N SER E 48 -18.08 -2.31 16.74
CA SER E 48 -18.05 -2.39 15.28
C SER E 48 -18.30 -1.08 14.53
N ILE E 49 -17.49 -0.79 13.55
CA ILE E 49 -17.77 0.32 12.64
C ILE E 49 -18.67 -0.07 11.41
N SER E 50 -19.74 0.69 11.20
CA SER E 50 -20.60 0.54 10.02
C SER E 50 -19.93 1.28 8.86
N LYS E 51 -19.68 0.53 7.77
CA LYS E 51 -19.18 1.12 6.55
C LYS E 51 -20.22 2.02 5.93
N GLY E 52 -19.77 3.08 5.27
CA GLY E 52 -20.68 4.05 4.62
C GLY E 52 -20.66 5.43 5.27
N GLY E 53 -21.16 6.42 4.57
CA GLY E 53 -21.36 7.71 5.19
C GLY E 53 -20.00 8.23 5.54
N ARG E 54 -19.77 8.65 6.77
CA ARG E 54 -18.46 9.20 7.04
C ARG E 54 -17.32 8.16 6.98
N TYR E 55 -17.59 6.84 6.82
CA TYR E 55 -16.54 5.78 6.84
C TYR E 55 -16.38 5.13 5.45
N VAL E 56 -15.22 5.38 4.82
CA VAL E 56 -14.99 5.07 3.41
C VAL E 56 -13.87 4.02 3.34
N GLU E 57 -14.26 2.80 2.91
CA GLU E 57 -13.36 1.67 2.88
C GLU E 57 -12.86 1.36 1.49
N THR E 58 -11.55 1.18 1.31
CA THR E 58 -11.00 0.74 0.03
C THR E 58 -10.36 -0.63 0.24
N VAL E 59 -10.70 -1.59 -0.60
CA VAL E 59 -10.13 -2.90 -0.47
C VAL E 59 -9.43 -3.18 -1.78
N ASN E 60 -8.16 -3.56 -1.75
CA ASN E 60 -7.44 -4.01 -2.96
C ASN E 60 -6.90 -5.44 -2.71
N SER E 61 -7.76 -6.43 -2.94
CA SER E 61 -7.44 -7.83 -2.63
C SER E 61 -6.52 -8.51 -3.66
N GLY E 62 -6.00 -7.78 -4.65
CA GLY E 62 -4.84 -8.26 -5.40
C GLY E 62 -3.62 -8.09 -4.52
N SER E 63 -3.58 -6.98 -3.76
CA SER E 63 -2.51 -6.66 -2.81
C SER E 63 -2.78 -7.16 -1.38
N LYS E 64 -3.98 -7.67 -1.15
CA LYS E 64 -4.42 -8.09 0.16
C LYS E 64 -4.26 -6.95 1.16
N SER E 65 -4.42 -5.73 0.68
CA SER E 65 -4.44 -4.56 1.53
C SER E 65 -5.81 -3.88 1.54
N PHE E 66 -6.04 -2.98 2.48
CA PHE E 66 -7.31 -2.33 2.58
C PHE E 66 -7.24 -1.15 3.53
N SER E 67 -7.93 -0.08 3.16
CA SER E 67 -7.89 1.11 3.98
C SER E 67 -9.30 1.54 4.45
N LEU E 68 -9.33 2.28 5.56
CA LEU E 68 -10.51 3.03 6.01
C LEU E 68 -10.20 4.53 6.11
N ARG E 69 -11.07 5.32 5.47
CA ARG E 69 -10.97 6.77 5.52
C ARG E 69 -12.19 7.24 6.30
N ILE E 70 -11.96 8.06 7.33
CA ILE E 70 -13.04 8.60 8.14
C ILE E 70 -13.07 10.08 7.90
N ASN E 71 -14.16 10.55 7.32
CA ASN E 71 -14.31 12.00 7.11
C ASN E 71 -15.08 12.72 8.21
N ASP E 72 -14.86 14.06 8.25
CA ASP E 72 -15.57 15.01 9.14
C ASP E 72 -15.48 14.66 10.64
N LEU E 73 -14.23 14.61 11.09
CA LEU E 73 -13.87 14.12 12.40
C LEU E 73 -14.36 15.06 13.50
N THR E 74 -14.83 14.48 14.63
CA THR E 74 -15.02 15.21 15.89
C THR E 74 -14.36 14.48 17.07
N VAL E 75 -14.41 15.08 18.26
CA VAL E 75 -13.99 14.39 19.50
C VAL E 75 -14.66 13.01 19.67
N GLU E 76 -15.75 12.71 18.95
CA GLU E 76 -16.42 11.37 19.12
C GLU E 76 -15.70 10.26 18.41
N ASP E 77 -14.86 10.61 17.45
CA ASP E 77 -14.08 9.61 16.77
C ASP E 77 -12.75 9.28 17.43
N SER E 78 -12.42 9.90 18.57
CA SER E 78 -11.18 9.57 19.24
C SER E 78 -11.30 8.14 19.74
N GLY E 79 -10.15 7.47 19.87
CA GLY E 79 -10.10 6.09 20.39
C GLY E 79 -9.08 5.27 19.63
N THR E 80 -9.10 3.97 19.87
CA THR E 80 -8.18 3.07 19.21
C THR E 80 -8.92 2.23 18.19
N TYR E 81 -8.26 1.99 17.07
CA TYR E 81 -8.90 1.43 15.91
C TYR E 81 -8.13 0.19 15.43
N ARG E 82 -8.85 -0.86 15.08
CA ARG E 82 -8.22 -2.10 14.61
C ARG E 82 -9.00 -2.64 13.44
N CYS E 83 -8.26 -3.20 12.48
CA CYS E 83 -8.83 -3.91 11.35
C CYS E 83 -8.71 -5.40 11.59
N LYS E 84 -9.59 -6.18 10.98
CA LYS E 84 -9.51 -7.65 11.06
C LYS E 84 -9.79 -8.26 9.70
N PRO E 85 -8.87 -9.09 9.20
CA PRO E 85 -9.16 -9.77 7.96
C PRO E 85 -10.01 -11.04 8.21
N GLU E 86 -10.76 -11.45 7.19
CA GLU E 86 -11.33 -12.80 7.08
C GLU E 86 -10.85 -13.46 5.78
N SER E 87 -10.34 -14.68 5.93
CA SER E 87 -9.82 -15.52 4.85
C SER E 87 -10.61 -16.83 4.81
N ARG E 88 -11.37 -17.02 3.74
CA ARG E 88 -12.13 -18.25 3.54
C ARG E 88 -11.42 -19.34 2.69
N TYR E 89 -11.58 -20.59 3.09
CA TYR E 89 -10.95 -21.69 2.40
C TYR E 89 -12.01 -22.77 2.29
N GLY E 90 -11.78 -23.70 1.38
CA GLY E 90 -12.71 -24.84 1.18
C GLY E 90 -12.36 -26.00 2.09
N SER E 91 -11.19 -26.57 1.89
CA SER E 91 -10.67 -27.58 2.80
C SER E 91 -9.67 -26.90 3.76
N TYR E 92 -9.32 -27.58 4.83
CA TYR E 92 -8.53 -26.93 5.86
C TYR E 92 -7.19 -26.44 5.33
N ASP E 93 -6.87 -25.17 5.60
CA ASP E 93 -5.50 -24.59 5.53
C ASP E 93 -5.12 -23.89 6.89
N ALA E 94 -4.14 -24.41 7.59
CA ALA E 94 -3.80 -23.87 8.95
C ALA E 94 -3.23 -22.43 9.03
N GLU E 95 -2.54 -22.01 7.97
CA GLU E 95 -2.05 -20.62 7.81
C GLU E 95 -3.23 -19.65 7.68
N CYS E 96 -4.26 -20.00 6.96
CA CYS E 96 -5.41 -19.10 6.84
C CYS E 96 -6.31 -19.21 8.06
N ALA E 97 -6.43 -20.44 8.56
CA ALA E 97 -6.91 -20.66 9.93
C ALA E 97 -6.38 -19.54 10.85
N ALA E 98 -5.07 -19.48 11.02
CA ALA E 98 -4.44 -18.53 11.98
C ALA E 98 -4.86 -17.12 11.67
N LEU E 99 -4.74 -16.74 10.43
CA LEU E 99 -5.07 -15.39 9.99
C LEU E 99 -6.49 -15.00 10.39
N ASN E 100 -7.38 -15.95 10.52
CA ASN E 100 -8.71 -15.56 10.94
C ASN E 100 -8.84 -15.04 12.37
N ASP E 101 -7.84 -15.23 13.24
CA ASP E 101 -7.91 -14.64 14.62
C ASP E 101 -7.01 -13.40 14.91
N GLN E 102 -6.16 -13.01 13.95
CA GLN E 102 -5.32 -11.83 14.06
C GLN E 102 -6.03 -10.52 13.70
N TYR E 103 -5.74 -9.47 14.47
CA TYR E 103 -6.14 -8.10 14.20
C TYR E 103 -4.89 -7.30 13.91
N GLY E 104 -5.05 -6.15 13.29
CA GLY E 104 -3.98 -5.18 13.23
C GLY E 104 -3.52 -4.75 14.62
N GLY E 105 -2.29 -4.23 14.71
CA GLY E 105 -1.76 -3.73 15.94
C GLY E 105 -2.48 -2.52 16.52
N GLY E 106 -3.24 -1.77 15.72
CA GLY E 106 -4.09 -0.66 16.24
C GLY E 106 -3.57 0.77 16.09
N THR E 107 -4.49 1.69 15.74
CA THR E 107 -4.20 3.13 15.56
C THR E 107 -4.91 3.91 16.65
N VAL E 108 -4.15 4.74 17.36
CA VAL E 108 -4.67 5.57 18.44
C VAL E 108 -4.90 6.95 17.87
N VAL E 109 -6.17 7.30 17.70
CA VAL E 109 -6.61 8.57 17.08
C VAL E 109 -7.04 9.54 18.15
N THR E 110 -6.60 10.79 18.01
CA THR E 110 -7.08 11.93 18.84
C THR E 110 -7.51 13.12 17.95
N VAL E 111 -8.73 13.58 18.18
CA VAL E 111 -9.35 14.67 17.47
C VAL E 111 -9.54 15.79 18.48
N ASN E 112 -8.86 16.89 18.26
CA ASN E 112 -8.91 18.08 19.12
C ASN E 112 -10.06 18.97 18.69
N ALA E 113 -10.47 19.85 19.58
CA ALA E 113 -11.47 20.84 19.33
C ALA E 113 -11.00 22.11 19.98
N ALA E 114 -10.73 23.20 19.27
CA ALA E 114 -10.62 24.50 20.05
C ALA E 114 -10.10 25.82 19.41
N ALA E 115 -10.84 26.91 19.70
CA ALA E 115 -10.38 28.30 19.64
C ALA E 115 -9.65 28.75 18.38
N LYS F 1 -18.99 -44.64 0.65
CA LYS F 1 -18.77 -45.25 -0.69
C LYS F 1 -17.40 -44.71 -1.14
N VAL F 2 -16.55 -45.57 -1.69
CA VAL F 2 -15.41 -45.15 -2.50
C VAL F 2 -15.87 -45.28 -3.93
N PHE F 3 -15.87 -44.16 -4.63
CA PHE F 3 -16.10 -44.08 -6.08
C PHE F 3 -14.84 -44.61 -6.80
N GLY F 4 -15.00 -45.42 -7.86
CA GLY F 4 -13.94 -45.56 -8.88
C GLY F 4 -13.79 -44.22 -9.59
N ARG F 5 -12.62 -43.91 -10.11
CA ARG F 5 -12.33 -42.69 -10.87
C ARG F 5 -13.34 -42.37 -11.94
N CYS F 6 -13.56 -43.33 -12.83
CA CYS F 6 -14.46 -43.10 -13.94
C CYS F 6 -15.90 -43.08 -13.53
N GLU F 7 -16.21 -43.73 -12.41
CA GLU F 7 -17.54 -43.68 -11.88
C GLU F 7 -17.77 -42.24 -11.39
N LEU F 8 -16.79 -41.66 -10.68
CA LEU F 8 -16.95 -40.28 -10.18
C LEU F 8 -17.08 -39.20 -11.28
N ALA F 9 -16.46 -39.42 -12.44
CA ALA F 9 -16.28 -38.37 -13.37
C ALA F 9 -17.56 -38.25 -14.11
N ALA F 10 -18.22 -39.39 -14.33
CA ALA F 10 -19.53 -39.45 -14.98
C ALA F 10 -20.62 -38.88 -14.10
N ALA F 11 -20.50 -39.11 -12.80
CA ALA F 11 -21.42 -38.50 -11.84
C ALA F 11 -21.22 -36.96 -11.88
N MET F 12 -19.97 -36.54 -11.76
CA MET F 12 -19.62 -35.11 -11.77
C MET F 12 -20.02 -34.43 -13.05
N LYS F 13 -19.87 -35.12 -14.17
CA LYS F 13 -20.43 -34.62 -15.44
C LYS F 13 -21.92 -34.48 -15.36
N ARG F 14 -22.61 -35.47 -14.80
CA ARG F 14 -24.06 -35.36 -14.71
C ARG F 14 -24.47 -34.22 -13.80
N HIS F 15 -23.68 -33.92 -12.79
CA HIS F 15 -24.04 -32.85 -11.86
C HIS F 15 -23.67 -31.44 -12.32
N GLY F 16 -23.23 -31.29 -13.57
CA GLY F 16 -22.83 -30.00 -14.10
C GLY F 16 -21.43 -29.47 -13.78
N LEU F 17 -20.44 -30.31 -13.43
CA LEU F 17 -19.10 -29.77 -13.07
C LEU F 17 -18.17 -29.52 -14.21
N ASP F 18 -18.37 -30.19 -15.34
CA ASP F 18 -17.58 -29.92 -16.54
C ASP F 18 -17.68 -28.48 -17.02
N ASN F 19 -16.54 -27.79 -16.99
CA ASN F 19 -16.43 -26.35 -17.28
C ASN F 19 -17.14 -25.42 -16.31
N TYR F 20 -17.51 -25.89 -15.13
CA TYR F 20 -18.24 -24.95 -14.23
C TYR F 20 -17.27 -23.86 -13.73
N ARG F 21 -17.57 -22.60 -14.05
CA ARG F 21 -16.69 -21.49 -13.67
C ARG F 21 -15.26 -21.62 -14.36
N GLY F 22 -15.22 -22.33 -15.47
CA GLY F 22 -14.03 -22.46 -16.26
C GLY F 22 -13.19 -23.68 -15.97
N TYR F 23 -13.65 -24.57 -15.16
CA TYR F 23 -12.77 -25.66 -14.78
C TYR F 23 -13.21 -26.92 -15.50
N SER F 24 -12.35 -27.49 -16.32
CA SER F 24 -12.71 -28.74 -16.95
C SER F 24 -12.77 -29.88 -15.91
N LEU F 25 -13.58 -30.89 -16.23
CA LEU F 25 -13.99 -31.93 -15.27
C LEU F 25 -12.87 -32.62 -14.55
N GLY F 26 -11.71 -32.72 -15.20
CA GLY F 26 -10.58 -33.45 -14.63
C GLY F 26 -10.08 -32.75 -13.40
N ASN F 27 -10.27 -31.45 -13.31
CA ASN F 27 -9.91 -30.69 -12.14
C ASN F 27 -10.67 -31.13 -10.91
N TRP F 28 -11.98 -31.39 -11.09
CA TRP F 28 -12.86 -31.82 -10.05
C TRP F 28 -12.56 -33.29 -9.60
N VAL F 29 -12.30 -34.21 -10.53
CA VAL F 29 -11.96 -35.62 -10.21
C VAL F 29 -10.68 -35.63 -9.47
N CYS F 30 -9.77 -34.80 -9.96
CA CYS F 30 -8.45 -34.63 -9.36
C CYS F 30 -8.48 -34.10 -7.93
N ALA F 31 -9.23 -33.02 -7.73
CA ALA F 31 -9.49 -32.50 -6.41
C ALA F 31 -10.10 -33.62 -5.51
N ALA F 32 -11.04 -34.39 -6.03
CA ALA F 32 -11.73 -35.36 -5.16
C ALA F 32 -10.72 -36.41 -4.77
N LYS F 33 -9.80 -36.75 -5.69
CA LYS F 33 -8.79 -37.76 -5.41
C LYS F 33 -7.87 -37.32 -4.27
N PHE F 34 -7.21 -36.18 -4.42
CA PHE F 34 -6.23 -35.81 -3.41
C PHE F 34 -6.83 -35.25 -2.12
N GLU F 35 -8.12 -34.91 -2.08
CA GLU F 35 -8.77 -34.49 -0.79
C GLU F 35 -9.25 -35.68 0.07
N SER F 36 -9.97 -36.61 -0.54
CA SER F 36 -10.72 -37.68 0.17
C SER F 36 -10.35 -39.10 -0.29
N ASN F 37 -9.43 -39.22 -1.23
CA ASN F 37 -9.22 -40.47 -1.97
C ASN F 37 -10.53 -41.09 -2.53
N PHE F 38 -11.44 -40.25 -3.03
CA PHE F 38 -12.77 -40.70 -3.55
C PHE F 38 -13.72 -41.33 -2.46
N ASN F 39 -13.43 -41.14 -1.18
CA ASN F 39 -14.30 -41.67 -0.10
C ASN F 39 -15.33 -40.62 0.31
N THR F 40 -16.63 -40.91 0.14
CA THR F 40 -17.72 -39.94 0.49
C THR F 40 -17.80 -39.76 1.98
N GLN F 41 -17.08 -40.60 2.68
CA GLN F 41 -17.06 -40.60 4.10
C GLN F 41 -15.74 -40.11 4.71
N ALA F 42 -14.71 -39.77 3.95
CA ALA F 42 -13.57 -39.11 4.57
C ALA F 42 -14.06 -38.00 5.52
N THR F 43 -13.56 -37.97 6.74
CA THR F 43 -13.58 -36.76 7.54
C THR F 43 -12.26 -36.61 8.29
N ASN F 44 -11.87 -35.38 8.60
CA ASN F 44 -10.64 -35.12 9.34
C ASN F 44 -10.75 -33.90 10.31
N ARG F 45 -10.40 -34.09 11.59
CA ARG F 45 -10.39 -33.00 12.55
C ARG F 45 -9.16 -32.08 12.40
N ASN F 46 -9.33 -30.81 12.71
CA ASN F 46 -8.28 -29.84 12.47
C ASN F 46 -8.06 -29.15 13.80
N THR F 47 -6.87 -28.63 13.99
CA THR F 47 -6.47 -28.20 15.33
C THR F 47 -7.36 -27.05 15.88
N ASP F 48 -8.20 -26.48 15.03
CA ASP F 48 -9.07 -25.39 15.46
C ASP F 48 -10.48 -25.85 15.81
N GLY F 49 -10.75 -27.16 15.79
CA GLY F 49 -12.10 -27.67 16.12
C GLY F 49 -13.07 -27.72 14.96
N SER F 50 -12.70 -27.17 13.81
CA SER F 50 -13.43 -27.43 12.58
C SER F 50 -13.19 -28.89 12.23
N THR F 51 -13.98 -29.39 11.29
CA THR F 51 -13.73 -30.71 10.68
C THR F 51 -13.90 -30.56 9.15
N ASP F 52 -13.11 -31.28 8.34
CA ASP F 52 -13.39 -31.39 6.87
C ASP F 52 -14.25 -32.59 6.55
N TYR F 53 -15.22 -32.43 5.63
CA TYR F 53 -16.26 -33.42 5.37
C TYR F 53 -16.37 -33.77 3.90
N GLY F 54 -16.30 -35.07 3.63
CA GLY F 54 -16.77 -35.62 2.41
C GLY F 54 -15.75 -35.68 1.31
N ILE F 55 -16.28 -35.96 0.15
CA ILE F 55 -15.54 -36.27 -1.00
C ILE F 55 -14.67 -35.06 -1.43
N LEU F 56 -15.08 -33.85 -1.07
CA LEU F 56 -14.22 -32.68 -1.30
C LEU F 56 -13.79 -32.04 -0.01
N GLN F 57 -13.84 -32.78 1.08
CA GLN F 57 -13.33 -32.30 2.34
C GLN F 57 -13.76 -30.84 2.64
N ILE F 58 -15.06 -30.55 2.59
CA ILE F 58 -15.55 -29.19 2.85
C ILE F 58 -15.53 -28.94 4.37
N ASN F 59 -15.05 -27.76 4.78
CA ASN F 59 -14.71 -27.44 6.16
C ASN F 59 -15.82 -26.74 6.96
N SER F 60 -15.99 -27.19 8.21
CA SER F 60 -17.14 -26.83 9.05
C SER F 60 -17.09 -25.42 9.61
N ARG F 61 -15.99 -24.71 9.41
CA ARG F 61 -15.87 -23.38 9.97
C ARG F 61 -16.64 -22.39 9.10
N TRP F 62 -16.75 -22.73 7.83
CA TRP F 62 -17.37 -21.84 6.86
C TRP F 62 -18.68 -22.39 6.28
N TRP F 63 -18.67 -23.64 5.85
CA TRP F 63 -19.66 -24.04 4.87
C TRP F 63 -20.85 -24.79 5.45
N CYS F 64 -20.61 -25.62 6.46
CA CYS F 64 -21.70 -26.35 7.08
C CYS F 64 -21.52 -26.37 8.59
N ASN F 65 -22.56 -26.79 9.30
CA ASN F 65 -22.49 -26.81 10.73
C ASN F 65 -22.65 -28.25 11.23
N ASP F 66 -21.79 -28.63 12.16
CA ASP F 66 -21.81 -29.97 12.79
C ASP F 66 -22.03 -29.91 14.29
N GLY F 67 -22.36 -28.76 14.85
CA GLY F 67 -22.77 -28.67 16.25
C GLY F 67 -21.61 -28.65 17.24
N ARG F 68 -20.40 -28.45 16.75
CA ARG F 68 -19.23 -28.54 17.58
C ARG F 68 -18.02 -27.85 17.00
N THR F 69 -18.22 -26.98 16.00
CA THR F 69 -17.16 -26.15 15.44
C THR F 69 -17.36 -24.73 15.99
N PRO F 70 -16.33 -24.20 16.67
CA PRO F 70 -16.24 -22.78 16.98
C PRO F 70 -16.40 -21.89 15.76
N GLY F 71 -17.38 -21.00 15.83
CA GLY F 71 -17.55 -19.93 14.86
C GLY F 71 -18.15 -20.29 13.52
N SER F 72 -18.77 -21.48 13.43
CA SER F 72 -19.28 -21.95 12.17
C SER F 72 -20.16 -20.94 11.44
N ARG F 73 -19.80 -20.53 10.25
CA ARG F 73 -20.72 -19.62 9.55
C ARG F 73 -21.83 -20.33 8.78
N ASN F 74 -21.76 -21.67 8.61
CA ASN F 74 -22.74 -22.45 7.82
C ASN F 74 -23.24 -21.74 6.54
N LEU F 75 -22.25 -21.40 5.71
CA LEU F 75 -22.46 -20.57 4.53
C LEU F 75 -23.36 -21.29 3.51
N CYS F 76 -23.16 -22.61 3.33
CA CYS F 76 -24.03 -23.45 2.42
C CYS F 76 -25.35 -23.82 3.04
N ASN F 77 -25.55 -23.52 4.30
CA ASN F 77 -26.89 -23.66 4.86
C ASN F 77 -27.34 -25.13 4.98
N ILE F 78 -26.40 -25.99 5.39
CA ILE F 78 -26.58 -27.43 5.44
C ILE F 78 -25.91 -27.96 6.66
N PRO F 79 -26.46 -29.05 7.19
CA PRO F 79 -25.79 -29.72 8.25
C PRO F 79 -24.71 -30.51 7.57
N CYS F 80 -23.61 -30.77 8.29
CA CYS F 80 -22.44 -31.45 7.73
C CYS F 80 -22.74 -32.94 7.46
N SER F 81 -23.73 -33.51 8.12
CA SER F 81 -24.21 -34.84 7.77
C SER F 81 -24.53 -34.95 6.28
N ALA F 82 -24.98 -33.86 5.68
CA ALA F 82 -25.40 -33.96 4.27
C ALA F 82 -24.22 -34.23 3.32
N LEU F 83 -23.01 -33.94 3.78
CA LEU F 83 -21.86 -33.96 2.93
C LEU F 83 -21.25 -35.33 2.97
N LEU F 84 -21.84 -36.25 3.74
CA LEU F 84 -21.26 -37.59 3.93
C LEU F 84 -22.08 -38.75 3.32
N SER F 85 -22.53 -38.55 2.09
CA SER F 85 -23.57 -39.35 1.45
C SER F 85 -23.05 -40.01 0.16
N SER F 86 -23.45 -41.26 -0.09
CA SER F 86 -23.24 -41.89 -1.43
C SER F 86 -23.68 -41.02 -2.60
N ASP F 87 -24.60 -40.10 -2.34
CA ASP F 87 -25.19 -39.24 -3.35
C ASP F 87 -24.47 -37.91 -3.32
N ILE F 88 -23.74 -37.57 -4.39
CA ILE F 88 -22.80 -36.40 -4.30
C ILE F 88 -23.48 -35.04 -4.40
N THR F 89 -24.81 -35.02 -4.50
CA THR F 89 -25.54 -33.78 -4.83
C THR F 89 -25.20 -32.59 -3.90
N ALA F 90 -25.52 -32.71 -2.61
CA ALA F 90 -25.09 -31.71 -1.62
C ALA F 90 -23.61 -31.26 -1.69
N SER F 91 -22.67 -32.20 -1.88
CA SER F 91 -21.22 -31.82 -1.92
C SER F 91 -20.97 -31.01 -3.16
N VAL F 92 -21.66 -31.36 -4.25
CA VAL F 92 -21.51 -30.66 -5.49
C VAL F 92 -22.20 -29.32 -5.34
N ASN F 93 -23.44 -29.28 -4.92
CA ASN F 93 -24.05 -27.95 -4.80
C ASN F 93 -23.18 -27.04 -3.94
N CYS F 94 -22.56 -27.58 -2.90
CA CYS F 94 -21.78 -26.70 -2.01
C CYS F 94 -20.40 -26.27 -2.62
N ALA F 95 -19.74 -27.13 -3.36
CA ALA F 95 -18.51 -26.75 -4.08
C ALA F 95 -18.75 -25.61 -5.03
N LYS F 96 -19.85 -25.69 -5.74
CA LYS F 96 -20.20 -24.65 -6.66
C LYS F 96 -20.26 -23.30 -6.00
N LYS F 97 -20.74 -23.25 -4.80
CA LYS F 97 -20.73 -21.97 -4.13
C LYS F 97 -19.22 -21.61 -3.82
N ILE F 98 -18.44 -22.58 -3.37
CA ILE F 98 -17.10 -22.31 -2.87
C ILE F 98 -16.22 -21.84 -4.02
N VAL F 99 -16.29 -22.57 -5.11
CA VAL F 99 -15.55 -22.22 -6.26
C VAL F 99 -15.99 -20.84 -6.79
N SER F 100 -17.20 -20.38 -6.41
CA SER F 100 -17.72 -19.05 -6.80
C SER F 100 -17.41 -17.91 -5.85
N ASP F 101 -16.71 -18.20 -4.77
CA ASP F 101 -16.53 -17.24 -3.67
C ASP F 101 -15.33 -16.30 -3.87
N GLY F 102 -14.65 -16.44 -4.99
CA GLY F 102 -13.67 -15.44 -5.40
C GLY F 102 -12.23 -15.88 -5.26
N ASN F 103 -11.98 -17.16 -5.04
CA ASN F 103 -10.63 -17.69 -5.02
C ASN F 103 -10.46 -18.75 -6.14
N GLY F 104 -11.53 -19.09 -6.86
CA GLY F 104 -11.50 -20.25 -7.77
C GLY F 104 -11.29 -21.56 -7.01
N MET F 105 -10.60 -22.49 -7.66
CA MET F 105 -10.34 -23.77 -7.04
C MET F 105 -9.16 -23.74 -6.09
N ASN F 106 -8.47 -22.60 -6.01
CA ASN F 106 -7.47 -22.41 -4.99
C ASN F 106 -8.05 -22.50 -3.56
N ALA F 107 -9.37 -22.62 -3.44
CA ALA F 107 -10.03 -22.82 -2.16
C ALA F 107 -9.70 -24.18 -1.60
N TRP F 108 -9.33 -25.13 -2.45
CA TRP F 108 -8.92 -26.47 -2.03
C TRP F 108 -7.39 -26.65 -2.11
N VAL F 109 -6.72 -26.75 -0.97
CA VAL F 109 -5.29 -26.98 -0.96
C VAL F 109 -4.84 -28.21 -1.81
N ALA F 110 -5.54 -29.35 -1.71
CA ALA F 110 -5.18 -30.54 -2.51
C ALA F 110 -5.04 -30.20 -4.00
N TRP F 111 -5.93 -29.36 -4.51
CA TRP F 111 -5.96 -29.01 -5.92
C TRP F 111 -4.73 -28.12 -6.26
N ARG F 112 -4.44 -27.23 -5.31
CA ARG F 112 -3.32 -26.32 -5.40
C ARG F 112 -1.98 -27.07 -5.49
N ASN F 113 -1.83 -28.04 -4.61
CA ASN F 113 -0.61 -28.82 -4.49
C ASN F 113 -0.51 -30.01 -5.46
N ARG F 114 -1.62 -30.46 -6.07
CA ARG F 114 -1.58 -31.73 -6.89
C ARG F 114 -2.21 -31.67 -8.29
N CYS F 115 -3.06 -30.68 -8.51
CA CYS F 115 -3.85 -30.60 -9.72
C CYS F 115 -3.46 -29.40 -10.49
N LYS F 116 -3.41 -28.26 -9.83
CA LYS F 116 -3.06 -27.01 -10.49
C LYS F 116 -1.69 -27.11 -11.14
N GLY F 117 -1.58 -26.90 -12.45
CA GLY F 117 -0.30 -27.00 -13.11
C GLY F 117 0.01 -28.39 -13.63
N THR F 118 -0.85 -29.35 -13.33
CA THR F 118 -0.73 -30.72 -13.79
C THR F 118 -1.78 -30.97 -14.90
N ASP F 119 -1.50 -31.97 -15.74
CA ASP F 119 -2.36 -32.39 -16.83
C ASP F 119 -3.63 -33.08 -16.35
N VAL F 120 -4.55 -32.29 -15.80
CA VAL F 120 -5.77 -32.81 -15.18
C VAL F 120 -6.74 -33.60 -16.09
N GLN F 121 -6.60 -33.41 -17.40
CA GLN F 121 -7.38 -34.18 -18.35
C GLN F 121 -7.15 -35.70 -18.31
N ALA F 122 -5.95 -36.14 -17.89
CA ALA F 122 -5.63 -37.56 -17.81
C ALA F 122 -6.56 -38.24 -16.79
N TRP F 123 -7.01 -37.45 -15.82
CA TRP F 123 -7.96 -37.93 -14.80
C TRP F 123 -9.27 -38.39 -15.40
N ILE F 124 -9.71 -37.83 -16.54
CA ILE F 124 -10.86 -38.38 -17.27
C ILE F 124 -10.56 -39.28 -18.46
N ARG F 125 -9.30 -39.57 -18.75
CA ARG F 125 -9.04 -40.38 -19.95
C ARG F 125 -9.44 -41.84 -19.72
N GLY F 126 -9.98 -42.49 -20.75
CA GLY F 126 -10.30 -43.94 -20.67
C GLY F 126 -11.62 -44.25 -19.94
N CYS F 127 -12.24 -43.18 -19.44
CA CYS F 127 -13.57 -43.19 -18.92
C CYS F 127 -14.69 -43.15 -19.92
N ARG F 128 -14.42 -42.95 -21.20
CA ARG F 128 -15.46 -43.17 -22.18
C ARG F 128 -16.74 -42.37 -21.82
N LEU F 129 -16.58 -41.07 -21.51
CA LEU F 129 -17.67 -40.26 -20.94
C LEU F 129 -18.81 -39.86 -21.90
S SO4 G . 13.65 -40.75 -10.33
O1 SO4 G . 12.84 -39.81 -9.55
O2 SO4 G . 12.86 -41.91 -10.69
O3 SO4 G . 14.13 -40.14 -11.58
O4 SO4 G . 14.79 -41.18 -9.51
S SO4 H . -21.47 46.29 19.18
O1 SO4 H . -21.66 46.45 20.60
O2 SO4 H . -22.50 47.07 18.62
O3 SO4 H . -20.13 46.81 18.99
O4 SO4 H . -21.54 44.88 18.68
S SO4 I . -30.63 39.78 3.31
O1 SO4 I . -31.89 40.33 2.78
O2 SO4 I . -30.80 38.84 4.43
O3 SO4 I . -29.95 39.17 2.14
O4 SO4 I . -29.78 40.81 3.83
S SO4 J . -11.82 -41.87 -23.66
O1 SO4 J . -12.68 -40.74 -23.42
O2 SO4 J . -12.51 -42.90 -22.89
O3 SO4 J . -11.87 -42.23 -25.06
O4 SO4 J . -10.44 -41.60 -23.28
S SO4 K . -25.83 -39.73 -9.88
O1 SO4 K . -25.79 -38.92 -8.64
O2 SO4 K . -27.20 -40.25 -10.03
O3 SO4 K . -25.47 -39.01 -11.10
O4 SO4 K . -24.87 -40.81 -9.61
S SO4 L . -10.69 -32.76 -23.50
O1 SO4 L . -11.56 -31.65 -23.05
O2 SO4 L . -10.72 -33.88 -22.51
O3 SO4 L . -11.10 -33.24 -24.79
O4 SO4 L . -9.37 -32.20 -23.67
#